data_5JQM
#
_entry.id   5JQM
#
_cell.length_a   118.563
_cell.length_b   68.290
_cell.length_c   105.137
_cell.angle_alpha   90.00
_cell.angle_beta   102.10
_cell.angle_gamma   90.00
#
_symmetry.space_group_name_H-M   'C 1 2 1'
#
loop_
_entity.id
_entity.type
_entity.pdbx_description
1 polymer 'Protein UPS1, mitochondrial,Mitochondrial distribution and morphology protein 35'
2 water water
#
_entity_poly.entity_id   1
_entity_poly.type   'polypeptide(L)'
_entity_poly.pdbx_seq_one_letter_code
;MGSSHHHHHHSQDPMVLLHKSTHIFPTDFASVSRAFFNRYPNPYSPHVLSIDTISRNVDQEGNLRTTRLLKKSGKLPTWV
KPFLRGITETWIIEVSVVNPANSTMKTYTRNLDHTGIMKVEEYTTYQFDSATSSTIADSRVKFSSGFNMGIKSKVEDWSR
TKFDENVKKSRMGMAFVIQKLEEARNPQFLEVLFQGPMGNIMSASFAPECTDLKTKYDSCFNEWYSEKFLKGKSVENECS
KQWYAYTTCVNAALVKQGIKPALDEAREEAPFENGGKLKEVDK
;
_entity_poly.pdbx_strand_id   A,B,C
#
# COMPACT_ATOMS: atom_id res chain seq x y z
N MET A 15 5.76 30.03 -9.98
CA MET A 15 4.63 30.06 -9.07
C MET A 15 4.91 29.27 -7.81
N VAL A 16 4.57 29.87 -6.67
CA VAL A 16 4.83 29.26 -5.37
C VAL A 16 3.53 28.96 -4.64
N LEU A 17 3.37 27.71 -4.22
CA LEU A 17 2.22 27.28 -3.44
C LEU A 17 2.70 26.78 -2.10
N LEU A 18 2.06 27.26 -1.04
CA LEU A 18 2.46 26.93 0.31
C LEU A 18 1.38 26.11 0.99
N HIS A 19 1.81 25.09 1.72
CA HIS A 19 0.88 24.29 2.52
C HIS A 19 1.50 24.06 3.89
N LYS A 20 0.66 23.89 4.90
CA LYS A 20 1.18 23.61 6.23
C LYS A 20 0.32 22.60 6.98
N SER A 21 0.95 21.87 7.88
CA SER A 21 0.20 20.92 8.69
C SER A 21 0.88 20.74 10.04
N THR A 22 0.11 20.33 11.03
CA THR A 22 0.66 20.01 12.34
C THR A 22 0.15 18.64 12.75
N HIS A 23 1.05 17.78 13.25
CA HIS A 23 0.62 16.54 13.85
C HIS A 23 1.21 16.41 15.24
N ILE A 24 0.41 15.91 16.16
CA ILE A 24 0.85 15.72 17.52
C ILE A 24 1.01 14.24 17.81
N PHE A 25 2.24 13.82 18.10
CA PHE A 25 2.52 12.45 18.49
C PHE A 25 2.37 12.35 20.00
N PRO A 26 1.51 11.45 20.47
CA PRO A 26 1.28 11.30 21.92
C PRO A 26 2.37 10.47 22.58
N THR A 27 3.63 10.85 22.36
CA THR A 27 4.75 10.14 22.95
C THR A 27 5.99 11.05 23.02
N ASP A 28 7.07 10.48 23.53
CA ASP A 28 8.27 11.24 23.88
C ASP A 28 9.15 11.56 22.67
N PHE A 29 10.02 12.56 22.85
CA PHE A 29 10.91 12.99 21.77
C PHE A 29 11.85 11.87 21.29
N ALA A 30 12.35 11.06 22.21
CA ALA A 30 13.28 10.01 21.84
C ALA A 30 12.66 9.03 20.86
N SER A 31 11.40 8.66 21.13
CA SER A 31 10.70 7.73 20.26
C SER A 31 10.45 8.30 18.88
N VAL A 32 9.98 9.55 18.84
CA VAL A 32 9.67 10.19 17.57
C VAL A 32 10.93 10.39 16.71
N SER A 33 12.00 10.88 17.33
CA SER A 33 13.25 11.15 16.61
C SER A 33 13.90 9.86 16.08
N ARG A 34 13.94 8.84 16.93
CA ARG A 34 14.46 7.55 16.48
C ARG A 34 13.63 7.01 15.30
N ALA A 35 12.30 7.12 15.43
CA ALA A 35 11.42 6.65 14.36
C ALA A 35 11.71 7.39 13.06
N PHE A 36 11.95 8.70 13.15
CA PHE A 36 12.27 9.46 11.94
C PHE A 36 13.43 8.83 11.19
N PHE A 37 14.48 8.46 11.92
CA PHE A 37 15.63 7.87 11.23
C PHE A 37 15.40 6.44 10.75
N ASN A 38 14.31 5.83 11.20
CA ASN A 38 13.99 4.48 10.76
C ASN A 38 12.62 4.35 10.12
N ARG A 39 12.11 5.44 9.56
CA ARG A 39 10.71 5.47 9.13
C ARG A 39 10.40 4.60 7.93
N TYR A 40 11.41 4.33 7.11
CA TYR A 40 11.23 3.50 5.92
C TYR A 40 12.04 2.22 6.09
N PRO A 41 11.52 1.09 5.59
CA PRO A 41 10.23 0.98 4.93
C PRO A 41 9.06 0.88 5.90
N ASN A 42 7.90 1.29 5.40
CA ASN A 42 6.67 1.05 6.12
C ASN A 42 5.56 0.90 5.09
N PRO A 43 4.45 0.24 5.46
CA PRO A 43 3.45 -0.08 4.41
C PRO A 43 2.74 1.13 3.84
N TYR A 44 2.89 2.30 4.47
CA TYR A 44 2.24 3.50 3.96
C TYR A 44 3.07 4.29 2.97
N SER A 45 4.31 3.87 2.74
CA SER A 45 5.17 4.57 1.78
C SER A 45 5.75 3.65 0.72
N PRO A 46 4.87 3.17 -0.18
CA PRO A 46 5.25 2.17 -1.18
C PRO A 46 6.29 2.69 -2.17
N HIS A 47 6.35 4.00 -2.39
CA HIS A 47 7.22 4.55 -3.42
C HIS A 47 8.68 4.69 -3.02
N VAL A 48 8.98 4.58 -1.73
CA VAL A 48 10.37 4.73 -1.29
C VAL A 48 11.16 3.45 -1.62
N LEU A 49 12.30 3.62 -2.28
CA LEU A 49 13.10 2.49 -2.75
C LEU A 49 14.39 2.30 -1.96
N SER A 50 14.93 3.40 -1.43
CA SER A 50 16.18 3.31 -0.67
C SER A 50 16.42 4.57 0.14
N ILE A 51 17.26 4.44 1.18
CA ILE A 51 17.69 5.56 2.00
C ILE A 51 19.13 5.33 2.42
N ASP A 52 19.97 6.32 2.16
CA ASP A 52 21.39 6.22 2.50
C ASP A 52 21.80 7.41 3.36
N THR A 53 22.71 7.17 4.29
CA THR A 53 23.27 8.25 5.09
C THR A 53 24.54 8.75 4.41
N ILE A 54 24.53 10.01 4.02
CA ILE A 54 25.62 10.65 3.28
C ILE A 54 26.65 11.27 4.22
N SER A 55 26.16 11.94 5.27
CA SER A 55 27.06 12.48 6.27
C SER A 55 26.37 12.51 7.63
N ARG A 56 27.15 12.36 8.69
CA ARG A 56 26.61 12.48 10.03
C ARG A 56 27.70 12.82 11.02
N ASN A 57 27.43 13.79 11.87
CA ASN A 57 28.37 14.11 12.93
C ASN A 57 27.67 14.82 14.06
N VAL A 58 28.28 14.78 15.25
CA VAL A 58 27.81 15.65 16.32
C VAL A 58 28.67 16.91 16.29
N ASP A 59 28.01 18.05 16.16
CA ASP A 59 28.76 19.31 16.06
C ASP A 59 29.27 19.77 17.42
N GLN A 60 30.05 20.85 17.42
CA GLN A 60 30.66 21.27 18.68
C GLN A 60 29.64 21.70 19.75
N GLU A 61 28.45 22.08 19.31
CA GLU A 61 27.39 22.46 20.24
C GLU A 61 26.64 21.26 20.82
N GLY A 62 26.96 20.07 20.33
CA GLY A 62 26.37 18.84 20.84
C GLY A 62 25.17 18.35 20.06
N ASN A 63 24.94 18.95 18.89
CA ASN A 63 23.77 18.60 18.09
C ASN A 63 24.14 17.70 16.92
N LEU A 64 23.25 16.76 16.62
CA LEU A 64 23.49 15.77 15.55
C LEU A 64 23.10 16.34 14.19
N ARG A 65 24.06 16.40 13.28
CA ARG A 65 23.82 16.90 11.92
C ARG A 65 23.90 15.74 10.94
N THR A 66 22.81 15.48 10.21
CA THR A 66 22.75 14.36 9.28
C THR A 66 22.24 14.79 7.91
N THR A 67 22.91 14.32 6.85
CA THR A 67 22.36 14.43 5.51
C THR A 67 22.16 13.03 4.95
N ARG A 68 20.96 12.77 4.44
CA ARG A 68 20.62 11.49 3.84
C ARG A 68 20.10 11.67 2.41
N LEU A 69 20.12 10.57 1.67
CA LEU A 69 19.73 10.56 0.27
C LEU A 69 18.70 9.45 0.08
N LEU A 70 17.49 9.83 -0.37
CA LEU A 70 16.42 8.87 -0.58
C LEU A 70 16.15 8.72 -2.07
N LYS A 71 15.75 7.52 -2.49
CA LYS A 71 15.31 7.34 -3.87
C LYS A 71 13.88 6.86 -3.83
N LYS A 72 13.04 7.38 -4.73
CA LYS A 72 11.65 6.95 -4.78
C LYS A 72 11.22 6.70 -6.21
N SER A 73 10.20 5.89 -6.39
CA SER A 73 9.57 5.78 -7.70
C SER A 73 8.39 6.76 -7.72
N GLY A 74 7.96 7.14 -8.90
CA GLY A 74 6.84 8.07 -8.99
C GLY A 74 6.54 8.47 -10.41
N LYS A 75 5.55 9.32 -10.58
CA LYS A 75 5.16 9.78 -11.92
C LYS A 75 5.13 11.30 -11.92
N LEU A 76 5.60 11.90 -13.02
CA LEU A 76 5.50 13.34 -13.17
C LEU A 76 4.06 13.70 -13.48
N PRO A 77 3.66 14.96 -13.21
CA PRO A 77 2.29 15.38 -13.51
C PRO A 77 1.93 15.23 -14.98
N THR A 78 0.63 15.18 -15.27
CA THR A 78 0.14 14.95 -16.63
C THR A 78 0.41 16.12 -17.59
N TRP A 79 0.83 17.26 -17.06
CA TRP A 79 1.05 18.43 -17.92
C TRP A 79 2.43 18.48 -18.56
N VAL A 80 3.31 17.54 -18.21
CA VAL A 80 4.66 17.53 -18.77
C VAL A 80 4.68 16.97 -20.18
N LYS A 81 5.78 17.21 -20.90
CA LYS A 81 5.98 16.69 -22.26
C LYS A 81 5.78 15.18 -22.27
N PRO A 82 5.17 14.64 -23.35
CA PRO A 82 4.81 13.22 -23.41
C PRO A 82 5.99 12.29 -23.14
N PHE A 83 7.17 12.68 -23.59
CA PHE A 83 8.37 11.86 -23.38
C PHE A 83 8.75 11.72 -21.91
N LEU A 84 8.33 12.70 -21.09
CA LEU A 84 8.66 12.67 -19.67
C LEU A 84 7.60 11.99 -18.81
N ARG A 85 6.45 11.71 -19.41
CA ARG A 85 5.35 11.05 -18.70
C ARG A 85 5.73 9.62 -18.36
N GLY A 86 5.03 9.04 -17.39
CA GLY A 86 5.25 7.66 -17.02
C GLY A 86 6.06 7.48 -15.74
N ILE A 87 6.27 6.24 -15.35
CA ILE A 87 6.99 5.95 -14.12
C ILE A 87 8.48 6.28 -14.23
N THR A 88 9.05 6.74 -13.13
CA THR A 88 10.45 7.11 -13.11
C THR A 88 10.95 7.05 -11.67
N GLU A 89 12.25 7.26 -11.48
CA GLU A 89 12.81 7.36 -10.14
C GLU A 89 13.32 8.76 -9.89
N THR A 90 13.18 9.22 -8.66
CA THR A 90 13.62 10.56 -8.28
C THR A 90 14.44 10.48 -7.01
N TRP A 91 15.36 11.42 -6.85
CA TRP A 91 16.22 11.46 -5.68
C TRP A 91 15.80 12.63 -4.79
N ILE A 92 15.87 12.41 -3.49
CA ILE A 92 15.49 13.39 -2.49
C ILE A 92 16.64 13.56 -1.52
N ILE A 93 16.98 14.80 -1.19
CA ILE A 93 17.92 15.06 -0.11
C ILE A 93 17.15 15.33 1.18
N GLU A 94 17.66 14.79 2.29
CA GLU A 94 17.04 14.98 3.60
C GLU A 94 18.11 15.48 4.56
N VAL A 95 17.92 16.65 5.15
CA VAL A 95 18.90 17.24 6.04
C VAL A 95 18.25 17.40 7.40
N SER A 96 18.96 17.07 8.48
CA SER A 96 18.35 17.18 9.80
C SER A 96 19.34 17.63 10.87
N VAL A 97 18.80 18.27 11.90
CA VAL A 97 19.57 18.60 13.10
C VAL A 97 18.76 18.14 14.32
N VAL A 98 19.42 17.48 15.25
CA VAL A 98 18.81 17.06 16.50
C VAL A 98 19.53 17.69 17.67
N ASN A 99 18.79 18.41 18.51
CA ASN A 99 19.30 18.91 19.77
C ASN A 99 18.69 18.12 20.93
N PRO A 100 19.50 17.22 21.52
CA PRO A 100 19.02 16.32 22.57
C PRO A 100 18.79 17.02 23.90
N ALA A 101 19.47 18.13 24.12
CA ALA A 101 19.32 18.88 25.37
C ALA A 101 17.98 19.58 25.39
N ASN A 102 17.55 20.08 24.24
CA ASN A 102 16.30 20.84 24.15
C ASN A 102 15.14 20.01 23.64
N SER A 103 15.42 18.77 23.25
CA SER A 103 14.44 17.87 22.65
C SER A 103 13.80 18.52 21.44
N THR A 104 14.64 18.97 20.51
CA THR A 104 14.14 19.56 19.27
C THR A 104 14.81 18.89 18.07
N MET A 105 14.09 18.82 16.96
CA MET A 105 14.69 18.32 15.74
C MET A 105 14.16 19.17 14.61
N LYS A 106 15.00 19.49 13.64
CA LYS A 106 14.47 20.08 12.45
C LYS A 106 14.94 19.30 11.25
N THR A 107 14.04 19.20 10.27
CA THR A 107 14.29 18.40 9.08
C THR A 107 13.89 19.18 7.83
N TYR A 108 14.54 18.85 6.72
CA TYR A 108 14.29 19.50 5.45
C TYR A 108 14.46 18.46 4.37
N THR A 109 13.54 18.43 3.43
CA THR A 109 13.73 17.60 2.24
C THR A 109 13.47 18.40 0.98
N ARG A 110 14.17 18.05 -0.07
CA ARG A 110 13.77 18.52 -1.39
C ARG A 110 14.18 17.54 -2.46
N ASN A 111 13.46 17.56 -3.59
CA ASN A 111 13.88 16.75 -4.73
C ASN A 111 15.14 17.32 -5.37
N LEU A 112 16.00 16.42 -5.83
CA LEU A 112 17.24 16.80 -6.50
C LEU A 112 17.12 16.81 -8.01
N ASP A 113 16.19 16.02 -8.55
CA ASP A 113 15.99 16.00 -10.00
C ASP A 113 14.57 16.45 -10.34
N HIS A 114 14.35 16.71 -11.64
CA HIS A 114 13.08 17.23 -12.15
C HIS A 114 12.76 18.62 -11.61
N THR A 115 13.80 19.33 -11.15
CA THR A 115 13.61 20.61 -10.48
C THR A 115 13.13 21.71 -11.43
N GLY A 116 13.38 21.53 -12.73
CA GLY A 116 12.92 22.48 -13.72
C GLY A 116 11.41 22.39 -13.90
N ILE A 117 10.86 21.23 -13.58
CA ILE A 117 9.43 21.02 -13.67
C ILE A 117 8.74 21.42 -12.38
N MET A 118 9.24 20.89 -11.26
CA MET A 118 8.63 21.14 -9.96
C MET A 118 9.67 20.95 -8.88
N LYS A 119 9.76 21.90 -7.97
CA LYS A 119 10.60 21.75 -6.79
C LYS A 119 9.68 21.68 -5.60
N VAL A 120 9.84 20.65 -4.79
CA VAL A 120 9.03 20.48 -3.60
C VAL A 120 9.93 20.45 -2.37
N GLU A 121 9.78 21.45 -1.50
CA GLU A 121 10.61 21.55 -0.31
C GLU A 121 9.75 21.41 0.92
N GLU A 122 10.20 20.61 1.87
CA GLU A 122 9.44 20.47 3.12
C GLU A 122 10.32 20.70 4.34
N TYR A 123 9.87 21.58 5.23
CA TYR A 123 10.51 21.77 6.53
C TYR A 123 9.60 21.21 7.60
N THR A 124 10.17 20.43 8.51
CA THR A 124 9.41 19.97 9.66
C THR A 124 10.19 20.24 10.93
N THR A 125 9.52 20.79 11.93
CA THR A 125 10.15 20.91 13.23
C THR A 125 9.44 19.98 14.19
N TYR A 126 10.21 19.29 15.02
CA TYR A 126 9.67 18.42 16.06
C TYR A 126 10.10 19.02 17.37
N GLN A 127 9.14 19.21 18.27
CA GLN A 127 9.49 19.74 19.57
C GLN A 127 8.75 18.97 20.62
N PHE A 128 9.46 18.65 21.69
CA PHE A 128 8.83 17.94 22.79
C PHE A 128 8.22 18.97 23.72
N ASP A 129 6.93 18.78 23.98
CA ASP A 129 6.19 19.55 24.95
C ASP A 129 5.92 18.66 26.16
N SER A 130 6.72 18.84 27.20
CA SER A 130 6.65 18.00 28.38
C SER A 130 5.34 18.24 29.10
N ALA A 131 4.82 19.47 28.96
CA ALA A 131 3.59 19.87 29.63
C ALA A 131 2.38 19.06 29.16
N THR A 132 2.37 18.66 27.89
CA THR A 132 1.25 17.91 27.34
C THR A 132 1.68 16.48 27.00
N SER A 133 2.91 16.14 27.40
CA SER A 133 3.46 14.82 27.19
C SER A 133 3.38 14.42 25.73
N SER A 134 3.67 15.36 24.86
CA SER A 134 3.53 15.08 23.43
C SER A 134 4.66 15.69 22.64
N THR A 135 4.85 15.20 21.43
CA THR A 135 5.81 15.78 20.51
C THR A 135 5.04 16.44 19.37
N ILE A 136 5.27 17.72 19.14
CA ILE A 136 4.58 18.47 18.12
C ILE A 136 5.44 18.53 16.86
N ALA A 137 4.85 18.11 15.74
CA ALA A 137 5.52 18.16 14.45
C ALA A 137 4.82 19.19 13.57
N ASP A 138 5.51 20.29 13.27
CA ASP A 138 4.97 21.33 12.42
C ASP A 138 5.66 21.27 11.06
N SER A 139 4.86 21.05 10.02
CA SER A 139 5.38 20.92 8.66
C SER A 139 4.94 22.09 7.79
N ARG A 140 5.84 22.52 6.91
CA ARG A 140 5.60 23.53 5.88
C ARG A 140 6.16 23.01 4.58
N VAL A 141 5.35 23.07 3.53
CA VAL A 141 5.77 22.61 2.22
C VAL A 141 5.63 23.75 1.23
N LYS A 142 6.67 23.95 0.43
CA LYS A 142 6.67 24.92 -0.65
C LYS A 142 6.83 24.21 -1.98
N PHE A 143 5.81 24.35 -2.85
CA PHE A 143 5.85 23.85 -4.22
C PHE A 143 6.21 25.03 -5.11
N SER A 144 7.31 24.91 -5.83
CA SER A 144 7.74 25.94 -6.78
C SER A 144 7.64 25.33 -8.17
N SER A 145 6.71 25.87 -8.96
CA SER A 145 6.39 25.33 -10.27
C SER A 145 6.97 26.19 -11.38
N GLY A 146 7.63 25.54 -12.34
CA GLY A 146 8.23 26.24 -13.46
C GLY A 146 7.17 26.80 -14.38
N GLY A 150 -0.82 28.97 -17.42
CA GLY A 150 -2.08 28.78 -18.12
C GLY A 150 -2.93 27.68 -17.50
N ILE A 151 -2.28 26.83 -16.69
CA ILE A 151 -2.94 25.71 -16.04
C ILE A 151 -2.86 25.79 -14.51
N LYS A 152 -2.93 27.02 -14.00
CA LYS A 152 -2.77 27.30 -12.57
C LYS A 152 -3.64 26.45 -11.64
N SER A 153 -4.94 26.36 -11.94
CA SER A 153 -5.85 25.59 -11.08
C SER A 153 -5.47 24.12 -11.01
N LYS A 154 -4.99 23.59 -12.13
CA LYS A 154 -4.58 22.18 -12.21
C LYS A 154 -3.35 21.93 -11.34
N VAL A 155 -2.38 22.83 -11.42
CA VAL A 155 -1.18 22.73 -10.60
C VAL A 155 -1.55 22.84 -9.13
N GLU A 156 -2.50 23.73 -8.82
CA GLU A 156 -2.97 23.89 -7.46
C GLU A 156 -3.60 22.60 -6.92
N ASP A 157 -4.47 22.00 -7.72
CA ASP A 157 -5.14 20.75 -7.35
C ASP A 157 -4.13 19.65 -7.11
N TRP A 158 -3.16 19.57 -8.01
CA TRP A 158 -2.12 18.55 -7.91
C TRP A 158 -1.34 18.73 -6.63
N SER A 159 -0.92 19.96 -6.35
CA SER A 159 -0.13 20.28 -5.16
C SER A 159 -0.91 19.99 -3.87
N ARG A 160 -2.19 20.36 -3.84
CA ARG A 160 -3.05 20.08 -2.69
C ARG A 160 -3.16 18.58 -2.45
N THR A 161 -3.41 17.84 -3.52
CA THR A 161 -3.58 16.39 -3.42
C THR A 161 -2.29 15.72 -2.93
N LYS A 162 -1.16 16.11 -3.53
CA LYS A 162 0.13 15.56 -3.13
C LYS A 162 0.40 15.86 -1.66
N PHE A 163 0.10 17.08 -1.26
CA PHE A 163 0.32 17.48 0.13
C PHE A 163 -0.52 16.64 1.08
N ASP A 164 -1.81 16.51 0.78
CA ASP A 164 -2.71 15.75 1.63
C ASP A 164 -2.27 14.29 1.73
N GLU A 165 -1.82 13.74 0.61
CA GLU A 165 -1.31 12.36 0.61
C GLU A 165 -0.06 12.25 1.49
N ASN A 166 0.82 13.24 1.40
CA ASN A 166 2.06 13.22 2.16
C ASN A 166 1.81 13.34 3.66
N VAL A 167 0.86 14.17 4.02
CA VAL A 167 0.50 14.33 5.43
C VAL A 167 0.02 12.99 5.99
N LYS A 168 -0.84 12.33 5.22
CA LYS A 168 -1.33 11.04 5.67
C LYS A 168 -0.23 9.99 5.78
N LYS A 169 0.60 9.88 4.74
CA LYS A 169 1.64 8.86 4.73
C LYS A 169 2.62 9.09 5.87
N SER A 170 2.92 10.36 6.16
CA SER A 170 3.89 10.68 7.19
C SER A 170 3.35 10.28 8.54
N ARG A 171 2.10 10.65 8.82
CA ARG A 171 1.60 10.31 10.15
C ARG A 171 1.38 8.81 10.34
N MET A 172 0.85 8.14 9.31
CA MET A 172 0.60 6.70 9.42
C MET A 172 1.90 5.90 9.49
N GLY A 173 2.88 6.29 8.67
CA GLY A 173 4.16 5.60 8.65
C GLY A 173 4.92 5.79 9.95
N MET A 174 4.95 7.03 10.44
CA MET A 174 5.63 7.30 11.69
C MET A 174 4.96 6.55 12.82
N ALA A 175 3.63 6.54 12.87
CA ALA A 175 2.92 5.81 13.92
C ALA A 175 3.24 4.31 13.87
N PHE A 176 3.31 3.77 12.66
CA PHE A 176 3.62 2.37 12.47
C PHE A 176 4.98 2.02 13.07
N VAL A 177 5.96 2.85 12.74
CA VAL A 177 7.31 2.61 13.20
C VAL A 177 7.47 2.84 14.71
N ILE A 178 6.83 3.89 15.22
CA ILE A 178 6.86 4.18 16.65
C ILE A 178 6.28 3.03 17.43
N GLN A 179 5.16 2.50 16.96
CA GLN A 179 4.51 1.40 17.65
C GLN A 179 5.40 0.17 17.64
N LYS A 180 6.06 -0.07 16.50
CA LYS A 180 6.96 -1.22 16.45
C LYS A 180 8.12 -1.05 17.45
N LEU A 181 8.67 0.15 17.55
CA LEU A 181 9.81 0.43 18.43
C LEU A 181 9.43 0.41 19.91
N GLU A 182 8.19 0.81 20.20
CA GLU A 182 7.66 0.82 21.56
C GLU A 182 7.32 -0.57 22.08
N GLU A 183 6.97 -1.47 21.17
CA GLU A 183 6.59 -2.83 21.56
C GLU A 183 7.76 -3.79 21.51
N ALA A 184 8.92 -3.28 21.14
CA ALA A 184 10.13 -4.09 21.06
C ALA A 184 10.58 -4.55 22.44
N ILE A 201 13.22 -6.53 6.93
CA ILE A 201 12.30 -5.45 7.29
C ILE A 201 13.04 -4.13 7.39
N MET A 202 14.28 -4.12 6.90
CA MET A 202 15.06 -2.91 6.96
C MET A 202 15.17 -2.26 5.57
N SER A 203 15.65 -1.03 5.56
CA SER A 203 15.79 -0.27 4.33
C SER A 203 17.00 -0.66 3.51
N ALA A 204 16.88 -0.50 2.21
CA ALA A 204 17.95 -0.80 1.27
C ALA A 204 18.79 0.44 1.02
N SER A 205 20.07 0.23 0.67
CA SER A 205 20.88 1.26 0.05
C SER A 205 20.50 1.34 -1.42
N PHE A 206 20.73 2.50 -2.05
CA PHE A 206 20.50 2.57 -3.50
C PHE A 206 21.46 1.65 -4.24
N ALA A 207 22.58 1.33 -3.61
CA ALA A 207 23.60 0.43 -4.15
C ALA A 207 23.50 -0.88 -3.41
N PRO A 208 22.95 -1.93 -4.06
CA PRO A 208 22.67 -3.16 -3.33
C PRO A 208 23.88 -3.75 -2.62
N GLU A 209 25.06 -3.55 -3.21
CA GLU A 209 26.31 -4.03 -2.62
C GLU A 209 26.66 -3.33 -1.31
N CYS A 210 25.93 -2.26 -1.00
CA CYS A 210 26.17 -1.51 0.23
C CYS A 210 25.13 -1.78 1.32
N THR A 211 24.05 -2.49 0.96
CA THR A 211 22.94 -2.60 1.92
C THR A 211 23.32 -3.28 3.24
N ASP A 212 24.01 -4.41 3.16
CA ASP A 212 24.44 -5.10 4.35
C ASP A 212 25.32 -4.19 5.23
N LEU A 213 26.23 -3.43 4.59
CA LEU A 213 27.09 -2.54 5.35
C LEU A 213 26.23 -1.48 6.03
N LYS A 214 25.22 -1.02 5.31
CA LYS A 214 24.35 0.01 5.85
C LYS A 214 23.61 -0.51 7.06
N THR A 215 23.15 -1.75 6.97
CA THR A 215 22.35 -2.29 8.06
C THR A 215 23.23 -2.33 9.31
N LYS A 216 24.49 -2.71 9.13
CA LYS A 216 25.37 -2.84 10.29
C LYS A 216 25.62 -1.46 10.90
N TYR A 217 25.84 -0.48 10.03
CA TYR A 217 26.09 0.88 10.52
C TYR A 217 24.83 1.37 11.24
N ASP A 218 23.66 1.14 10.64
CA ASP A 218 22.44 1.75 11.18
C ASP A 218 22.19 1.14 12.54
N SER A 219 22.51 -0.16 12.67
CA SER A 219 22.21 -0.83 13.93
C SER A 219 23.04 -0.18 15.04
N CYS A 220 24.31 0.02 14.72
CA CYS A 220 25.23 0.60 15.69
C CYS A 220 24.75 1.98 16.05
N PHE A 221 24.38 2.75 15.03
CA PHE A 221 23.98 4.13 15.29
C PHE A 221 22.72 4.13 16.13
N ASN A 222 21.78 3.24 15.81
CA ASN A 222 20.50 3.33 16.51
C ASN A 222 20.72 3.14 17.99
N GLU A 223 21.62 2.20 18.33
CA GLU A 223 21.82 1.87 19.75
C GLU A 223 22.49 3.04 20.44
N TRP A 224 23.47 3.64 19.77
CA TRP A 224 24.17 4.76 20.35
C TRP A 224 23.20 5.93 20.49
N TYR A 225 22.30 6.07 19.52
CA TYR A 225 21.47 7.24 19.47
C TYR A 225 20.52 7.23 20.67
N SER A 226 19.89 6.09 20.88
CA SER A 226 18.88 5.99 21.93
C SER A 226 19.48 5.84 23.32
N GLU A 227 20.60 5.14 23.42
CA GLU A 227 21.12 4.79 24.74
C GLU A 227 22.15 5.79 25.25
N LYS A 228 22.78 6.52 24.35
CA LYS A 228 23.84 7.43 24.77
C LYS A 228 23.60 8.88 24.35
N PHE A 229 23.40 9.11 23.06
CA PHE A 229 23.30 10.49 22.59
C PHE A 229 22.11 11.22 23.19
N LEU A 230 20.93 10.64 23.07
CA LEU A 230 19.73 11.31 23.59
C LEU A 230 19.70 11.42 25.11
N LYS A 231 20.53 10.65 25.78
CA LYS A 231 20.59 10.66 27.23
C LYS A 231 21.75 11.51 27.76
N GLY A 232 22.44 12.20 26.86
CA GLY A 232 23.52 13.08 27.24
C GLY A 232 24.78 12.38 27.74
N LYS A 233 24.98 11.13 27.31
CA LYS A 233 26.12 10.34 27.76
C LYS A 233 27.25 10.36 26.76
N SER A 234 26.99 10.88 25.57
CA SER A 234 27.99 10.92 24.52
C SER A 234 27.66 12.00 23.50
N CYS A 239 30.82 4.01 16.29
CA CYS A 239 30.44 3.23 15.11
C CYS A 239 31.39 3.49 13.93
N SER A 240 32.62 3.90 14.23
CA SER A 240 33.51 4.37 13.18
C SER A 240 33.87 3.31 12.14
N LYS A 241 34.07 2.05 12.55
CA LYS A 241 34.43 1.02 11.58
C LYS A 241 33.29 0.73 10.60
N GLN A 242 32.09 0.58 11.17
CA GLN A 242 30.90 0.32 10.36
C GLN A 242 30.63 1.49 9.43
N TRP A 243 30.77 2.70 9.97
CA TRP A 243 30.59 3.90 9.17
C TRP A 243 31.59 3.93 8.03
N TYR A 244 32.87 3.68 8.32
CA TYR A 244 33.88 3.76 7.27
C TYR A 244 33.57 2.80 6.12
N ALA A 245 33.29 1.54 6.46
CA ALA A 245 33.04 0.55 5.41
C ALA A 245 31.82 0.96 4.56
N TYR A 246 30.77 1.38 5.25
CA TYR A 246 29.55 1.78 4.56
C TYR A 246 29.74 3.02 3.67
N THR A 247 30.28 4.08 4.24
CA THR A 247 30.41 5.31 3.47
C THR A 247 31.37 5.15 2.29
N THR A 248 32.40 4.34 2.47
CA THR A 248 33.31 4.10 1.36
C THR A 248 32.58 3.41 0.21
N CYS A 249 31.74 2.44 0.57
CA CYS A 249 30.93 1.74 -0.43
C CYS A 249 29.95 2.69 -1.16
N VAL A 250 29.23 3.48 -0.38
CA VAL A 250 28.27 4.41 -0.96
C VAL A 250 28.93 5.44 -1.85
N ASN A 251 30.04 6.01 -1.40
CA ASN A 251 30.69 7.02 -2.21
C ASN A 251 31.23 6.46 -3.52
N ALA A 252 31.76 5.23 -3.45
CA ALA A 252 32.20 4.58 -4.68
C ALA A 252 31.03 4.41 -5.64
N ALA A 253 29.87 4.04 -5.11
CA ALA A 253 28.69 3.92 -5.98
C ALA A 253 28.20 5.27 -6.51
N LEU A 254 28.28 6.31 -5.67
CA LEU A 254 27.80 7.64 -6.02
C LEU A 254 28.60 8.25 -7.17
N VAL A 255 29.90 7.96 -7.20
CA VAL A 255 30.73 8.44 -8.31
C VAL A 255 30.13 8.07 -9.68
N LYS A 256 29.47 6.92 -9.72
CA LYS A 256 28.92 6.37 -10.96
C LYS A 256 27.50 6.82 -11.26
N GLN A 257 26.91 7.58 -10.33
CA GLN A 257 25.53 8.04 -10.47
C GLN A 257 25.43 9.43 -11.07
N GLY A 258 24.47 9.62 -11.95
CA GLY A 258 24.24 10.92 -12.58
C GLY A 258 23.86 12.00 -11.60
N ILE A 259 23.31 11.61 -10.45
CA ILE A 259 22.81 12.55 -9.45
C ILE A 259 23.91 13.20 -8.62
N LYS A 260 25.14 12.67 -8.66
CA LYS A 260 26.18 13.17 -7.77
C LYS A 260 26.43 14.69 -7.81
N PRO A 261 26.53 15.29 -9.02
CA PRO A 261 26.73 16.75 -9.00
C PRO A 261 25.58 17.51 -8.33
N ALA A 262 24.34 17.10 -8.59
CA ALA A 262 23.18 17.75 -7.98
C ALA A 262 23.20 17.58 -6.47
N LEU A 263 23.62 16.41 -6.02
CA LEU A 263 23.73 16.15 -4.59
C LEU A 263 24.80 17.04 -3.95
N ASP A 264 25.97 17.13 -4.57
CA ASP A 264 27.05 17.99 -4.07
C ASP A 264 26.57 19.45 -3.96
N GLU A 265 25.90 19.90 -5.02
CA GLU A 265 25.35 21.25 -5.05
C GLU A 265 24.39 21.46 -3.88
N ALA A 266 23.49 20.51 -3.68
CA ALA A 266 22.50 20.62 -2.61
C ALA A 266 23.15 20.61 -1.23
N ARG A 267 24.22 19.83 -1.10
CA ARG A 267 24.92 19.74 0.18
C ARG A 267 25.61 21.04 0.52
N GLU A 268 25.93 21.85 -0.51
CA GLU A 268 26.45 23.18 -0.23
C GLU A 268 25.41 24.15 0.36
N GLU A 269 24.12 23.88 0.12
CA GLU A 269 23.04 24.75 0.60
C GLU A 269 22.87 24.66 2.11
N ALA A 270 22.28 25.69 2.69
CA ALA A 270 22.05 25.77 4.13
C ALA A 270 20.57 26.04 4.39
N PRO A 271 19.74 24.99 4.29
CA PRO A 271 18.29 25.15 4.33
C PRO A 271 17.75 25.76 5.63
N PHE A 272 18.44 25.54 6.74
CA PHE A 272 17.99 26.07 8.02
C PHE A 272 18.51 27.49 8.27
N MET B 15 14.25 -5.63 -28.40
CA MET B 15 15.31 -5.24 -27.47
C MET B 15 15.21 -5.99 -26.16
N VAL B 16 16.35 -6.47 -25.67
CA VAL B 16 16.40 -7.26 -24.45
C VAL B 16 17.19 -6.55 -23.36
N LEU B 17 16.56 -6.38 -22.21
CA LEU B 17 17.20 -5.74 -21.06
C LEU B 17 17.26 -6.74 -19.92
N LEU B 18 18.42 -6.86 -19.30
CA LEU B 18 18.62 -7.83 -18.25
C LEU B 18 18.87 -7.12 -16.94
N HIS B 19 18.28 -7.63 -15.87
CA HIS B 19 18.55 -7.11 -14.54
C HIS B 19 18.70 -8.27 -13.60
N LYS B 20 19.47 -8.10 -12.53
CA LYS B 20 19.52 -9.16 -11.55
C LYS B 20 19.69 -8.66 -10.12
N SER B 21 19.24 -9.48 -9.18
CA SER B 21 19.30 -9.09 -7.77
C SER B 21 19.49 -10.31 -6.93
N THR B 22 20.00 -10.11 -5.72
CA THR B 22 20.12 -11.19 -4.75
C THR B 22 19.49 -10.71 -3.46
N HIS B 23 18.67 -11.54 -2.83
CA HIS B 23 18.26 -11.23 -1.47
C HIS B 23 18.53 -12.41 -0.59
N ILE B 24 19.00 -12.12 0.61
CA ILE B 24 19.30 -13.15 1.58
C ILE B 24 18.32 -13.10 2.75
N PHE B 25 17.56 -14.18 2.92
CA PHE B 25 16.63 -14.29 4.03
C PHE B 25 17.32 -14.94 5.22
N PRO B 26 17.29 -14.30 6.39
CA PRO B 26 17.94 -14.84 7.59
C PRO B 26 17.09 -15.93 8.24
N THR B 27 16.72 -16.93 7.47
CA THR B 27 15.91 -18.02 7.98
C THR B 27 16.09 -19.26 7.12
N ASP B 28 15.43 -20.34 7.53
CA ASP B 28 15.65 -21.64 6.90
C ASP B 28 14.93 -21.77 5.56
N PHE B 29 15.39 -22.73 4.76
CA PHE B 29 14.80 -22.97 3.45
C PHE B 29 13.32 -23.29 3.51
N ALA B 30 12.94 -24.12 4.47
CA ALA B 30 11.55 -24.55 4.59
C ALA B 30 10.60 -23.36 4.76
N SER B 31 10.99 -22.42 5.61
CA SER B 31 10.18 -21.24 5.87
C SER B 31 10.05 -20.37 4.62
N VAL B 32 11.16 -20.18 3.91
CA VAL B 32 11.15 -19.38 2.69
C VAL B 32 10.27 -20.01 1.60
N SER B 33 10.41 -21.32 1.37
CA SER B 33 9.61 -21.99 0.33
C SER B 33 8.09 -21.99 0.67
N ARG B 34 7.79 -22.27 1.94
CA ARG B 34 6.39 -22.18 2.37
C ARG B 34 5.81 -20.77 2.14
N ALA B 35 6.61 -19.77 2.49
CA ALA B 35 6.20 -18.38 2.32
C ALA B 35 5.95 -18.10 0.83
N PHE B 36 6.82 -18.63 -0.03
CA PHE B 36 6.62 -18.44 -1.47
C PHE B 36 5.23 -18.89 -1.88
N PHE B 37 4.82 -20.06 -1.40
CA PHE B 37 3.50 -20.54 -1.80
C PHE B 37 2.35 -19.80 -1.13
N ASN B 38 2.67 -19.02 -0.10
CA ASN B 38 1.63 -18.27 0.59
C ASN B 38 1.88 -16.76 0.59
N ARG B 39 2.60 -16.27 -0.41
CA ARG B 39 3.08 -14.88 -0.37
C ARG B 39 1.99 -13.83 -0.57
N TYR B 40 0.90 -14.21 -1.24
CA TYR B 40 -0.19 -13.28 -1.50
C TYR B 40 -1.45 -13.74 -0.78
N PRO B 41 -2.24 -12.78 -0.24
CA PRO B 41 -1.99 -11.33 -0.26
C PRO B 41 -1.03 -10.86 0.81
N ASN B 42 -0.40 -9.73 0.55
CA ASN B 42 0.39 -9.03 1.55
C ASN B 42 0.33 -7.55 1.21
N PRO B 43 0.58 -6.67 2.19
CA PRO B 43 0.35 -5.25 1.93
C PRO B 43 1.31 -4.62 0.92
N TYR B 44 2.39 -5.32 0.58
CA TYR B 44 3.36 -4.77 -0.34
C TYR B 44 3.06 -5.10 -1.79
N SER B 45 2.04 -5.91 -2.02
CA SER B 45 1.65 -6.28 -3.39
C SER B 45 0.18 -5.97 -3.69
N PRO B 46 -0.15 -4.67 -3.76
CA PRO B 46 -1.55 -4.26 -3.90
C PRO B 46 -2.18 -4.69 -5.23
N HIS B 47 -1.36 -4.86 -6.26
CA HIS B 47 -1.91 -5.15 -7.58
C HIS B 47 -2.30 -6.61 -7.78
N VAL B 48 -1.86 -7.51 -6.90
CA VAL B 48 -2.23 -8.92 -7.08
C VAL B 48 -3.69 -9.13 -6.65
N LEU B 49 -4.48 -9.75 -7.52
CA LEU B 49 -5.91 -9.93 -7.30
C LEU B 49 -6.30 -11.37 -6.99
N SER B 50 -5.53 -12.32 -7.51
CA SER B 50 -5.84 -13.73 -7.25
C SER B 50 -4.66 -14.61 -7.61
N ILE B 51 -4.66 -15.82 -7.05
CA ILE B 51 -3.65 -16.81 -7.40
C ILE B 51 -4.30 -18.18 -7.35
N ASP B 52 -4.12 -18.95 -8.41
CA ASP B 52 -4.71 -20.28 -8.50
C ASP B 52 -3.64 -21.31 -8.81
N THR B 53 -3.80 -22.52 -8.29
CA THR B 53 -2.91 -23.61 -8.60
C THR B 53 -3.49 -24.40 -9.76
N ILE B 54 -2.73 -24.44 -10.85
CA ILE B 54 -3.16 -25.06 -12.10
C ILE B 54 -2.77 -26.54 -12.15
N SER B 55 -1.56 -26.85 -11.72
CA SER B 55 -1.12 -28.23 -11.63
C SER B 55 -0.13 -28.39 -10.49
N ARG B 56 -0.10 -29.56 -9.87
CA ARG B 56 0.90 -29.84 -8.86
C ARG B 56 1.09 -31.34 -8.72
N ASN B 57 2.35 -31.77 -8.71
CA ASN B 57 2.65 -33.16 -8.42
C ASN B 57 4.06 -33.33 -7.91
N VAL B 58 4.32 -34.43 -7.23
CA VAL B 58 5.69 -34.81 -6.90
C VAL B 58 6.16 -35.75 -8.01
N ASP B 59 7.26 -35.37 -8.66
CA ASP B 59 7.74 -36.16 -9.78
C ASP B 59 8.48 -37.40 -9.31
N GLN B 60 8.88 -38.25 -10.24
CA GLN B 60 9.50 -39.51 -9.84
C GLN B 60 10.83 -39.31 -9.10
N GLU B 61 11.45 -38.16 -9.31
CA GLU B 61 12.69 -37.84 -8.61
C GLU B 61 12.47 -37.31 -7.20
N GLY B 62 11.20 -37.11 -6.84
CA GLY B 62 10.86 -36.69 -5.49
C GLY B 62 10.71 -35.18 -5.34
N ASN B 63 10.70 -34.47 -6.46
CA ASN B 63 10.62 -33.01 -6.43
C ASN B 63 9.24 -32.49 -6.76
N LEU B 64 8.85 -31.41 -6.10
CA LEU B 64 7.52 -30.84 -6.29
C LEU B 64 7.47 -29.90 -7.50
N ARG B 65 6.60 -30.23 -8.45
CA ARG B 65 6.42 -29.41 -9.65
C ARG B 65 5.05 -28.73 -9.58
N THR B 66 5.05 -27.39 -9.61
CA THR B 66 3.81 -26.63 -9.51
C THR B 66 3.71 -25.57 -10.59
N THR B 67 2.53 -25.46 -11.21
CA THR B 67 2.23 -24.31 -12.06
C THR B 67 1.04 -23.57 -11.47
N ARG B 68 1.18 -22.26 -11.31
CA ARG B 68 0.13 -21.40 -10.78
C ARG B 68 -0.16 -20.27 -11.76
N LEU B 69 -1.33 -19.66 -11.58
CA LEU B 69 -1.81 -18.59 -12.44
C LEU B 69 -2.21 -17.42 -11.56
N LEU B 70 -1.59 -16.27 -11.79
CA LEU B 70 -1.89 -15.07 -11.00
C LEU B 70 -2.59 -14.06 -11.87
N LYS B 71 -3.51 -13.31 -11.27
CA LYS B 71 -4.12 -12.18 -11.96
C LYS B 71 -3.75 -10.94 -11.21
N LYS B 72 -3.43 -9.88 -11.94
CA LYS B 72 -3.09 -8.61 -11.30
C LYS B 72 -3.72 -7.44 -12.05
N SER B 73 -3.90 -6.32 -11.37
CA SER B 73 -4.27 -5.11 -12.06
C SER B 73 -2.99 -4.38 -12.46
N GLY B 74 -3.09 -3.53 -13.46
CA GLY B 74 -1.92 -2.79 -13.89
C GLY B 74 -2.18 -1.92 -15.10
N LYS B 75 -1.16 -1.17 -15.50
CA LYS B 75 -1.26 -0.28 -16.64
C LYS B 75 -0.06 -0.51 -17.56
N LEU B 76 -0.29 -0.50 -18.86
CA LEU B 76 0.79 -0.58 -19.83
C LEU B 76 1.56 0.74 -19.84
N PRO B 77 2.82 0.71 -20.31
CA PRO B 77 3.63 1.93 -20.38
C PRO B 77 2.99 3.03 -21.23
N THR B 78 3.41 4.28 -21.01
CA THR B 78 2.78 5.41 -21.69
C THR B 78 3.03 5.46 -23.20
N TRP B 79 3.96 4.63 -23.69
CA TRP B 79 4.29 4.66 -25.11
C TRP B 79 3.37 3.82 -26.00
N VAL B 80 2.44 3.07 -25.40
CA VAL B 80 1.55 2.24 -26.19
C VAL B 80 0.42 3.08 -26.79
N LYS B 81 -0.25 2.52 -27.81
CA LYS B 81 -1.38 3.21 -28.44
C LYS B 81 -2.44 3.55 -27.41
N PRO B 82 -3.08 4.71 -27.55
CA PRO B 82 -3.99 5.26 -26.54
C PRO B 82 -5.11 4.31 -26.12
N PHE B 83 -5.63 3.50 -27.05
CA PHE B 83 -6.72 2.60 -26.69
C PHE B 83 -6.25 1.52 -25.72
N LEU B 84 -4.96 1.24 -25.68
CA LEU B 84 -4.42 0.23 -24.78
C LEU B 84 -3.99 0.80 -23.43
N ARG B 85 -3.96 2.12 -23.33
CA ARG B 85 -3.60 2.81 -22.10
C ARG B 85 -4.66 2.60 -21.02
N GLY B 86 -4.29 2.84 -19.77
CA GLY B 86 -5.24 2.78 -18.67
C GLY B 86 -5.17 1.49 -17.88
N ILE B 87 -5.96 1.41 -16.82
CA ILE B 87 -5.93 0.24 -15.96
C ILE B 87 -6.60 -0.98 -16.60
N THR B 88 -6.04 -2.14 -16.34
CA THR B 88 -6.59 -3.38 -16.87
C THR B 88 -6.12 -4.52 -15.98
N GLU B 89 -6.56 -5.73 -16.30
CA GLU B 89 -6.07 -6.91 -15.60
C GLU B 89 -5.20 -7.76 -16.51
N THR B 90 -4.15 -8.32 -15.94
CA THR B 90 -3.19 -9.12 -16.69
C THR B 90 -2.92 -10.44 -15.97
N TRP B 91 -2.53 -11.44 -16.73
CA TRP B 91 -2.30 -12.76 -16.18
C TRP B 91 -0.82 -13.12 -16.20
N ILE B 92 -0.37 -13.81 -15.16
CA ILE B 92 1.02 -14.21 -15.00
C ILE B 92 1.05 -15.73 -14.77
N ILE B 93 1.91 -16.44 -15.48
CA ILE B 93 2.15 -17.84 -15.14
C ILE B 93 3.35 -17.93 -14.22
N GLU B 94 3.26 -18.82 -13.23
CA GLU B 94 4.33 -19.07 -12.26
C GLU B 94 4.63 -20.56 -12.21
N VAL B 95 5.86 -20.95 -12.53
CA VAL B 95 6.23 -22.35 -12.55
C VAL B 95 7.33 -22.55 -11.53
N SER B 96 7.26 -23.62 -10.75
CA SER B 96 8.29 -23.86 -9.73
C SER B 96 8.62 -25.33 -9.57
N VAL B 97 9.84 -25.58 -9.11
CA VAL B 97 10.29 -26.90 -8.70
C VAL B 97 10.92 -26.79 -7.32
N VAL B 98 10.57 -27.71 -6.43
CA VAL B 98 11.17 -27.77 -5.09
C VAL B 98 11.84 -29.12 -4.89
N ASN B 99 13.12 -29.10 -4.53
CA ASN B 99 13.84 -30.31 -4.15
C ASN B 99 14.09 -30.25 -2.64
N PRO B 100 13.32 -31.05 -1.88
CA PRO B 100 13.35 -31.01 -0.41
C PRO B 100 14.62 -31.64 0.17
N ALA B 101 15.20 -32.58 -0.57
CA ALA B 101 16.41 -33.25 -0.11
C ALA B 101 17.61 -32.31 -0.19
N ASN B 102 17.65 -31.48 -1.23
CA ASN B 102 18.76 -30.57 -1.44
C ASN B 102 18.49 -29.17 -0.93
N SER B 103 17.26 -28.95 -0.46
CA SER B 103 16.83 -27.64 -0.02
C SER B 103 17.06 -26.61 -1.11
N THR B 104 16.53 -26.89 -2.30
CA THR B 104 16.62 -25.93 -3.40
C THR B 104 15.25 -25.69 -4.01
N MET B 105 15.06 -24.51 -4.57
CA MET B 105 13.82 -24.24 -5.28
C MET B 105 14.16 -23.38 -6.48
N LYS B 106 13.47 -23.60 -7.58
CA LYS B 106 13.58 -22.66 -8.69
C LYS B 106 12.19 -22.24 -9.11
N THR B 107 12.07 -20.97 -9.50
CA THR B 107 10.80 -20.39 -9.88
C THR B 107 10.98 -19.57 -11.15
N TYR B 108 9.90 -19.45 -11.90
CA TYR B 108 9.88 -18.72 -13.15
C TYR B 108 8.53 -18.07 -13.29
N THR B 109 8.50 -16.81 -13.67
CA THR B 109 7.24 -16.19 -14.00
C THR B 109 7.33 -15.46 -15.32
N ARG B 110 6.20 -15.40 -16.02
CA ARG B 110 6.11 -14.47 -17.16
C ARG B 110 4.68 -14.03 -17.36
N ASN B 111 4.50 -12.85 -17.96
CA ASN B 111 3.17 -12.41 -18.34
C ASN B 111 2.63 -13.22 -19.52
N LEU B 112 1.32 -13.48 -19.49
CA LEU B 112 0.67 -14.24 -20.55
C LEU B 112 0.05 -13.32 -21.59
N ASP B 113 -0.22 -12.07 -21.20
CA ASP B 113 -0.78 -11.11 -22.15
C ASP B 113 0.17 -9.93 -22.36
N HIS B 114 -0.07 -9.14 -23.42
CA HIS B 114 0.80 -8.04 -23.83
C HIS B 114 2.16 -8.47 -24.34
N THR B 115 2.35 -9.74 -24.69
CA THR B 115 3.72 -10.23 -24.93
C THR B 115 4.37 -9.62 -26.17
N GLY B 116 3.56 -9.14 -27.11
CA GLY B 116 4.07 -8.44 -28.27
C GLY B 116 4.60 -7.06 -27.94
N ILE B 117 4.06 -6.48 -26.88
CA ILE B 117 4.49 -5.17 -26.41
C ILE B 117 5.69 -5.32 -25.47
N MET B 118 5.53 -6.17 -24.47
CA MET B 118 6.57 -6.38 -23.47
C MET B 118 6.41 -7.76 -22.87
N LYS B 119 7.48 -8.52 -22.85
CA LYS B 119 7.49 -9.79 -22.15
C LYS B 119 8.46 -9.64 -20.99
N VAL B 120 8.01 -9.97 -19.79
CA VAL B 120 8.86 -9.85 -18.62
C VAL B 120 8.98 -11.22 -17.98
N GLU B 121 10.19 -11.77 -17.99
CA GLU B 121 10.41 -13.11 -17.46
C GLU B 121 11.33 -13.02 -16.27
N GLU B 122 10.98 -13.71 -15.19
CA GLU B 122 11.84 -13.71 -14.03
C GLU B 122 12.16 -15.12 -13.57
N TYR B 123 13.45 -15.41 -13.40
CA TYR B 123 13.90 -16.67 -12.82
C TYR B 123 14.45 -16.40 -11.46
N THR B 124 14.08 -17.22 -10.48
CA THR B 124 14.68 -17.09 -9.16
C THR B 124 15.14 -18.47 -8.68
N THR B 125 16.34 -18.53 -8.13
CA THR B 125 16.79 -19.76 -7.49
C THR B 125 16.94 -19.50 -6.01
N TYR B 126 16.55 -20.48 -5.20
CA TYR B 126 16.69 -20.43 -3.76
C TYR B 126 17.57 -21.58 -3.32
N GLN B 127 18.60 -21.26 -2.54
CA GLN B 127 19.50 -22.28 -1.99
C GLN B 127 19.88 -21.91 -0.57
N PHE B 128 20.27 -22.88 0.24
CA PHE B 128 20.67 -22.58 1.60
C PHE B 128 22.19 -22.41 1.74
N ASP B 129 22.58 -21.30 2.38
CA ASP B 129 23.94 -20.98 2.77
C ASP B 129 24.11 -21.44 4.20
N SER B 130 24.75 -22.61 4.37
CA SER B 130 24.89 -23.20 5.70
C SER B 130 25.88 -22.42 6.56
N ALA B 131 26.83 -21.76 5.93
CA ALA B 131 27.82 -20.98 6.66
C ALA B 131 27.18 -19.82 7.42
N THR B 132 26.16 -19.23 6.81
CA THR B 132 25.47 -18.09 7.43
C THR B 132 24.04 -18.43 7.86
N SER B 133 23.67 -19.69 7.72
CA SER B 133 22.35 -20.18 8.10
C SER B 133 21.24 -19.35 7.44
N SER B 134 21.42 -19.02 6.17
CA SER B 134 20.47 -18.13 5.51
C SER B 134 20.09 -18.69 4.16
N THR B 135 18.96 -18.26 3.63
CA THR B 135 18.50 -18.72 2.33
C THR B 135 18.77 -17.64 1.30
N ILE B 136 19.50 -18.00 0.25
CA ILE B 136 19.89 -17.09 -0.80
C ILE B 136 18.93 -17.20 -1.97
N ALA B 137 18.34 -16.07 -2.35
CA ALA B 137 17.46 -15.99 -3.50
C ALA B 137 18.13 -15.15 -4.57
N ASP B 138 18.49 -15.77 -5.69
CA ASP B 138 19.12 -15.08 -6.80
C ASP B 138 18.10 -14.93 -7.91
N SER B 139 17.80 -13.69 -8.28
CA SER B 139 16.81 -13.39 -9.30
C SER B 139 17.46 -12.81 -10.54
N ARG B 140 16.95 -13.19 -11.71
CA ARG B 140 17.35 -12.64 -12.98
C ARG B 140 16.07 -12.31 -13.75
N VAL B 141 15.98 -11.11 -14.28
CA VAL B 141 14.80 -10.69 -15.03
C VAL B 141 15.21 -10.28 -16.44
N LYS B 142 14.46 -10.77 -17.42
CA LYS B 142 14.65 -10.40 -18.81
C LYS B 142 13.41 -9.67 -19.32
N PHE B 143 13.59 -8.41 -19.73
CA PHE B 143 12.55 -7.62 -20.37
C PHE B 143 12.79 -7.66 -21.87
N SER B 144 11.82 -8.17 -22.62
CA SER B 144 11.91 -8.19 -24.06
C SER B 144 10.85 -7.25 -24.62
N SER B 145 11.31 -6.17 -25.24
CA SER B 145 10.45 -5.12 -25.79
C SER B 145 10.34 -5.27 -27.29
N GLY B 146 9.11 -5.21 -27.79
CA GLY B 146 8.84 -5.41 -29.20
C GLY B 146 9.33 -4.40 -30.22
N PHE B 147 8.93 -3.14 -30.08
CA PHE B 147 8.97 -2.22 -31.22
C PHE B 147 9.99 -1.07 -31.19
N ASN B 148 9.66 0.00 -30.48
CA ASN B 148 10.31 1.30 -30.69
C ASN B 148 11.75 1.46 -30.18
N MET B 149 12.69 1.56 -31.11
CA MET B 149 14.08 1.85 -30.78
C MET B 149 14.25 3.34 -30.51
N GLY B 150 13.41 4.15 -31.15
CA GLY B 150 13.46 5.59 -31.00
C GLY B 150 13.27 6.06 -29.58
N ILE B 151 12.70 5.20 -28.74
CA ILE B 151 12.47 5.54 -27.34
C ILE B 151 13.22 4.58 -26.43
N LYS B 152 14.36 4.09 -26.91
CA LYS B 152 15.14 3.09 -26.19
C LYS B 152 15.41 3.51 -24.76
N SER B 153 15.91 4.74 -24.58
CA SER B 153 16.28 5.20 -23.24
C SER B 153 15.06 5.14 -22.33
N LYS B 154 13.90 5.52 -22.85
CA LYS B 154 12.69 5.53 -22.05
C LYS B 154 12.33 4.12 -21.62
N VAL B 155 12.42 3.17 -22.54
CA VAL B 155 12.08 1.80 -22.20
C VAL B 155 13.04 1.33 -21.12
N GLU B 156 14.30 1.73 -21.27
CA GLU B 156 15.33 1.34 -20.31
C GLU B 156 14.95 1.86 -18.95
N ASP B 157 14.58 3.14 -18.90
CA ASP B 157 14.27 3.76 -17.63
C ASP B 157 13.13 3.02 -17.00
N TRP B 158 12.12 2.72 -17.82
CA TRP B 158 10.92 2.08 -17.35
C TRP B 158 11.28 0.74 -16.74
N SER B 159 12.11 0.00 -17.47
CA SER B 159 12.45 -1.34 -17.04
C SER B 159 13.19 -1.29 -15.71
N ARG B 160 14.11 -0.35 -15.58
CA ARG B 160 14.86 -0.25 -14.34
C ARG B 160 13.92 0.05 -13.19
N THR B 161 12.99 0.97 -13.42
CA THR B 161 12.07 1.36 -12.36
C THR B 161 11.22 0.16 -11.96
N LYS B 162 10.71 -0.55 -12.96
CA LYS B 162 9.86 -1.70 -12.68
C LYS B 162 10.64 -2.73 -11.89
N PHE B 163 11.88 -2.93 -12.32
CA PHE B 163 12.71 -3.92 -11.67
C PHE B 163 12.91 -3.54 -10.22
N ASP B 164 13.25 -2.27 -9.99
CA ASP B 164 13.54 -1.84 -8.62
C ASP B 164 12.30 -1.98 -7.75
N GLU B 165 11.13 -1.65 -8.29
CA GLU B 165 9.89 -1.78 -7.51
C GLU B 165 9.66 -3.26 -7.18
N ASN B 166 9.89 -4.11 -8.17
CA ASN B 166 9.61 -5.52 -7.97
C ASN B 166 10.55 -6.12 -6.92
N VAL B 167 11.82 -5.67 -6.95
CA VAL B 167 12.76 -6.20 -5.97
C VAL B 167 12.27 -5.86 -4.57
N LYS B 168 11.83 -4.61 -4.39
CA LYS B 168 11.36 -4.21 -3.08
C LYS B 168 10.12 -4.99 -2.68
N LYS B 169 9.16 -5.09 -3.60
CA LYS B 169 7.90 -5.73 -3.25
C LYS B 169 8.16 -7.17 -2.88
N SER B 170 9.11 -7.78 -3.56
CA SER B 170 9.34 -9.20 -3.33
C SER B 170 9.93 -9.39 -1.96
N ARG B 171 10.91 -8.54 -1.61
CA ARG B 171 11.57 -8.80 -0.35
C ARG B 171 10.69 -8.45 0.84
N MET B 172 9.94 -7.34 0.73
CA MET B 172 9.08 -6.91 1.83
C MET B 172 7.92 -7.89 2.02
N GLY B 173 7.31 -8.29 0.91
CA GLY B 173 6.18 -9.20 0.97
C GLY B 173 6.57 -10.55 1.54
N MET B 174 7.69 -11.09 1.05
CA MET B 174 8.16 -12.35 1.58
C MET B 174 8.47 -12.22 3.07
N ALA B 175 9.13 -11.12 3.44
CA ALA B 175 9.47 -10.97 4.86
C ALA B 175 8.20 -10.89 5.69
N PHE B 176 7.21 -10.19 5.15
CA PHE B 176 5.96 -10.02 5.87
C PHE B 176 5.37 -11.41 6.13
N VAL B 177 5.33 -12.22 5.08
CA VAL B 177 4.69 -13.51 5.19
C VAL B 177 5.51 -14.43 6.07
N ILE B 178 6.84 -14.37 5.95
CA ILE B 178 7.65 -15.24 6.78
C ILE B 178 7.34 -14.91 8.22
N GLN B 179 7.27 -13.61 8.52
CA GLN B 179 7.07 -13.19 9.89
C GLN B 179 5.70 -13.62 10.36
N LYS B 180 4.71 -13.53 9.47
CA LYS B 180 3.36 -13.92 9.83
C LYS B 180 3.27 -15.40 10.11
N LEU B 181 3.99 -16.21 9.33
CA LEU B 181 3.89 -17.65 9.49
C LEU B 181 4.58 -18.03 10.79
N GLU B 182 5.49 -17.15 11.21
CA GLU B 182 6.20 -17.22 12.49
C GLU B 182 7.29 -18.28 12.48
N SER B 203 -6.11 -15.55 0.35
CA SER B 203 -6.02 -15.28 -1.09
C SER B 203 -7.22 -15.84 -1.83
N ALA B 204 -7.59 -15.13 -2.89
CA ALA B 204 -8.73 -15.47 -3.72
C ALA B 204 -8.36 -16.24 -4.96
N SER B 205 -9.30 -17.05 -5.44
CA SER B 205 -9.28 -17.57 -6.80
C SER B 205 -9.73 -16.49 -7.77
N PHE B 206 -9.30 -16.56 -9.03
CA PHE B 206 -9.84 -15.62 -10.02
C PHE B 206 -11.34 -15.83 -10.21
N ALA B 207 -11.80 -17.05 -9.89
CA ALA B 207 -13.22 -17.39 -9.96
C ALA B 207 -13.77 -17.43 -8.54
N PRO B 208 -14.57 -16.44 -8.16
CA PRO B 208 -14.97 -16.36 -6.74
C PRO B 208 -15.66 -17.61 -6.21
N GLU B 209 -16.38 -18.31 -7.10
CA GLU B 209 -17.07 -19.54 -6.74
C GLU B 209 -16.11 -20.68 -6.41
N CYS B 210 -14.82 -20.47 -6.68
CA CYS B 210 -13.81 -21.48 -6.39
C CYS B 210 -12.97 -21.16 -5.16
N THR B 211 -13.12 -19.95 -4.62
CA THR B 211 -12.21 -19.53 -3.56
C THR B 211 -12.26 -20.40 -2.30
N ASP B 212 -13.47 -20.71 -1.85
CA ASP B 212 -13.61 -21.54 -0.67
C ASP B 212 -12.95 -22.90 -0.92
N LEU B 213 -13.14 -23.45 -2.13
CA LEU B 213 -12.54 -24.73 -2.44
C LEU B 213 -11.01 -24.58 -2.42
N LYS B 214 -10.52 -23.44 -2.91
CA LYS B 214 -9.09 -23.21 -2.97
C LYS B 214 -8.53 -23.18 -1.56
N THR B 215 -9.27 -22.53 -0.66
CA THR B 215 -8.78 -22.37 0.70
C THR B 215 -8.63 -23.75 1.32
N LYS B 216 -9.62 -24.61 1.03
CA LYS B 216 -9.60 -25.94 1.64
C LYS B 216 -8.43 -26.74 1.09
N TYR B 217 -8.19 -26.60 -0.21
CA TYR B 217 -7.07 -27.32 -0.80
C TYR B 217 -5.75 -26.75 -0.25
N ASP B 218 -5.66 -25.41 -0.18
CA ASP B 218 -4.36 -24.82 0.13
C ASP B 218 -3.96 -25.22 1.55
N SER B 219 -4.95 -25.22 2.44
CA SER B 219 -4.69 -25.55 3.83
C SER B 219 -4.16 -26.97 3.91
N CYS B 220 -4.82 -27.88 3.19
CA CYS B 220 -4.42 -29.27 3.20
C CYS B 220 -2.98 -29.35 2.68
N PHE B 221 -2.73 -28.65 1.56
CA PHE B 221 -1.41 -28.72 0.98
C PHE B 221 -0.37 -28.16 1.95
N ASN B 222 -0.72 -27.04 2.60
CA ASN B 222 0.29 -26.38 3.42
C ASN B 222 0.73 -27.33 4.53
N GLU B 223 -0.23 -28.06 5.09
CA GLU B 223 0.12 -28.94 6.21
C GLU B 223 1.00 -30.06 5.68
N TRP B 224 0.58 -30.63 4.56
CA TRP B 224 1.32 -31.75 4.01
C TRP B 224 2.70 -31.26 3.65
N TYR B 225 2.78 -30.03 3.16
CA TYR B 225 4.05 -29.56 2.62
C TYR B 225 5.03 -29.41 3.77
N SER B 226 4.55 -28.84 4.88
CA SER B 226 5.47 -28.55 5.97
C SER B 226 5.79 -29.75 6.82
N GLU B 227 4.80 -30.62 7.00
CA GLU B 227 4.92 -31.68 7.97
C GLU B 227 5.39 -33.01 7.38
N LYS B 228 5.21 -33.18 6.07
CA LYS B 228 5.53 -34.45 5.43
C LYS B 228 6.56 -34.27 4.31
N PHE B 229 6.25 -33.44 3.33
CA PHE B 229 7.08 -33.34 2.14
C PHE B 229 8.50 -32.81 2.41
N LEU B 230 8.60 -31.67 3.08
CA LEU B 230 9.90 -31.08 3.35
C LEU B 230 10.72 -31.90 4.34
N LYS B 231 10.06 -32.82 5.04
CA LYS B 231 10.73 -33.66 6.03
C LYS B 231 11.08 -35.05 5.48
N GLY B 232 10.86 -35.26 4.19
CA GLY B 232 11.19 -36.52 3.56
C GLY B 232 10.30 -37.66 4.02
N LYS B 233 9.10 -37.32 4.49
CA LYS B 233 8.16 -38.31 4.99
C LYS B 233 7.10 -38.64 3.94
N GLU B 238 -2.34 -36.69 -0.06
CA GLU B 238 -3.24 -36.66 1.08
C GLU B 238 -4.40 -35.67 0.87
N CYS B 239 -4.29 -34.86 -0.18
CA CYS B 239 -5.25 -33.80 -0.44
C CYS B 239 -6.07 -34.03 -1.70
N SER B 240 -6.26 -35.29 -2.08
CA SER B 240 -6.87 -35.60 -3.37
C SER B 240 -8.32 -35.13 -3.50
N LYS B 241 -9.13 -35.26 -2.45
CA LYS B 241 -10.53 -34.84 -2.56
C LYS B 241 -10.67 -33.32 -2.71
N GLN B 242 -9.93 -32.58 -1.87
CA GLN B 242 -9.91 -31.13 -1.93
C GLN B 242 -9.36 -30.63 -3.28
N TRP B 243 -8.29 -31.26 -3.73
CA TRP B 243 -7.72 -30.93 -5.03
C TRP B 243 -8.73 -31.16 -6.13
N TYR B 244 -9.38 -32.33 -6.14
CA TYR B 244 -10.33 -32.62 -7.19
C TYR B 244 -11.42 -31.56 -7.28
N ALA B 245 -12.03 -31.26 -6.12
CA ALA B 245 -13.14 -30.30 -6.12
C ALA B 245 -12.67 -28.94 -6.64
N TYR B 246 -11.51 -28.52 -6.13
CA TYR B 246 -10.95 -27.22 -6.51
C TYR B 246 -10.58 -27.14 -7.99
N THR B 247 -9.79 -28.10 -8.47
CA THR B 247 -9.33 -28.05 -9.84
C THR B 247 -10.47 -28.17 -10.83
N THR B 248 -11.50 -28.95 -10.47
CA THR B 248 -12.64 -29.06 -11.36
C THR B 248 -13.33 -27.71 -11.48
N CYS B 249 -13.44 -27.02 -10.35
CA CYS B 249 -14.05 -25.68 -10.36
C CYS B 249 -13.23 -24.69 -11.21
N VAL B 250 -11.92 -24.66 -10.96
CA VAL B 250 -11.03 -23.74 -11.69
C VAL B 250 -11.05 -24.00 -13.18
N ASN B 251 -10.98 -25.26 -13.56
CA ASN B 251 -10.99 -25.58 -14.98
C ASN B 251 -12.29 -25.21 -15.68
N ALA B 252 -13.41 -25.44 -14.99
CA ALA B 252 -14.69 -25.02 -15.54
C ALA B 252 -14.68 -23.51 -15.76
N ALA B 253 -14.11 -22.78 -14.80
CA ALA B 253 -14.03 -21.33 -14.97
C ALA B 253 -13.07 -20.91 -16.10
N LEU B 254 -11.96 -21.62 -16.22
CA LEU B 254 -10.93 -21.30 -17.21
C LEU B 254 -11.43 -21.47 -18.63
N VAL B 255 -12.28 -22.47 -18.84
CA VAL B 255 -12.87 -22.67 -20.17
C VAL B 255 -13.51 -21.39 -20.72
N LYS B 256 -14.09 -20.60 -19.81
CA LYS B 256 -14.82 -19.40 -20.19
C LYS B 256 -13.94 -18.15 -20.26
N GLN B 257 -12.66 -18.33 -19.93
CA GLN B 257 -11.70 -17.22 -19.92
C GLN B 257 -10.92 -17.13 -21.22
N GLY B 258 -10.74 -15.90 -21.70
CA GLY B 258 -9.99 -15.66 -22.91
C GLY B 258 -8.53 -16.08 -22.78
N ILE B 259 -8.03 -16.17 -21.55
CA ILE B 259 -6.61 -16.47 -21.32
C ILE B 259 -6.24 -17.94 -21.51
N LYS B 260 -7.23 -18.82 -21.56
CA LYS B 260 -6.96 -20.26 -21.60
C LYS B 260 -6.00 -20.72 -22.73
N PRO B 261 -6.21 -20.26 -23.97
CA PRO B 261 -5.25 -20.70 -25.00
C PRO B 261 -3.81 -20.27 -24.70
N ALA B 262 -3.62 -19.04 -24.23
CA ALA B 262 -2.30 -18.54 -23.89
C ALA B 262 -1.70 -19.32 -22.73
N LEU B 263 -2.53 -19.68 -21.76
CA LEU B 263 -2.08 -20.49 -20.63
C LEU B 263 -1.66 -21.89 -21.09
N ASP B 264 -2.47 -22.54 -21.92
CA ASP B 264 -2.13 -23.87 -22.44
C ASP B 264 -0.78 -23.83 -23.20
N GLU B 265 -0.65 -22.80 -24.03
CA GLU B 265 0.58 -22.60 -24.78
C GLU B 265 1.78 -22.46 -23.84
N ALA B 266 1.66 -21.63 -22.81
CA ALA B 266 2.75 -21.41 -21.87
C ALA B 266 3.06 -22.67 -21.08
N ARG B 267 2.03 -23.47 -20.80
CA ARG B 267 2.22 -24.70 -20.05
C ARG B 267 3.03 -25.71 -20.90
N GLU B 268 3.02 -25.53 -22.22
CA GLU B 268 3.90 -26.35 -23.08
C GLU B 268 5.41 -26.05 -22.96
N GLU B 269 5.74 -24.83 -22.53
CA GLU B 269 7.11 -24.39 -22.42
C GLU B 269 7.84 -25.09 -21.27
N ALA B 270 9.17 -25.15 -21.38
CA ALA B 270 10.00 -25.74 -20.34
C ALA B 270 11.05 -24.70 -19.94
N PRO B 271 10.62 -23.74 -19.12
CA PRO B 271 11.48 -22.59 -18.81
C PRO B 271 12.79 -22.97 -18.13
N PHE B 272 12.81 -24.08 -17.40
CA PHE B 272 14.02 -24.49 -16.71
C PHE B 272 14.95 -25.35 -17.56
N GLU B 273 14.49 -25.73 -18.74
CA GLU B 273 15.29 -26.55 -19.65
C GLU B 273 16.05 -25.64 -20.62
N MET C 15 -24.83 4.13 -20.18
CA MET C 15 -24.53 2.70 -20.07
C MET C 15 -24.38 2.28 -18.61
N VAL C 16 -25.03 1.17 -18.27
CA VAL C 16 -25.02 0.68 -16.89
C VAL C 16 -24.34 -0.70 -16.82
N LEU C 17 -23.36 -0.80 -15.93
CA LEU C 17 -22.65 -2.04 -15.73
C LEU C 17 -22.84 -2.49 -14.29
N LEU C 18 -23.20 -3.75 -14.09
CA LEU C 18 -23.49 -4.28 -12.77
C LEU C 18 -22.46 -5.32 -12.36
N HIS C 19 -22.06 -5.28 -11.10
CA HIS C 19 -21.17 -6.30 -10.55
C HIS C 19 -21.66 -6.69 -9.18
N LYS C 20 -21.38 -7.92 -8.75
CA LYS C 20 -21.75 -8.35 -7.42
C LYS C 20 -20.70 -9.24 -6.80
N SER C 21 -20.64 -9.22 -5.47
CA SER C 21 -19.70 -10.09 -4.76
C SER C 21 -20.26 -10.44 -3.39
N THR C 22 -19.81 -11.53 -2.83
CA THR C 22 -20.17 -11.91 -1.47
C THR C 22 -18.91 -12.23 -0.69
N HIS C 23 -18.81 -11.72 0.53
CA HIS C 23 -17.74 -12.16 1.43
C HIS C 23 -18.30 -12.61 2.75
N ILE C 24 -17.74 -13.68 3.30
CA ILE C 24 -18.15 -14.19 4.58
C ILE C 24 -17.05 -13.96 5.63
N PHE C 25 -17.38 -13.17 6.64
CA PHE C 25 -16.47 -12.92 7.75
C PHE C 25 -16.72 -13.96 8.83
N PRO C 26 -15.68 -14.68 9.25
CA PRO C 26 -15.82 -15.71 10.29
C PRO C 26 -15.87 -15.12 11.69
N THR C 27 -16.77 -14.17 11.92
CA THR C 27 -16.89 -13.57 13.23
C THR C 27 -18.28 -12.99 13.40
N ASP C 28 -18.55 -12.43 14.56
CA ASP C 28 -19.90 -12.01 14.93
C ASP C 28 -20.30 -10.68 14.30
N PHE C 29 -21.61 -10.44 14.25
CA PHE C 29 -22.14 -9.24 13.64
C PHE C 29 -21.61 -7.95 14.31
N ALA C 30 -21.53 -7.96 15.64
CA ALA C 30 -21.09 -6.77 16.35
C ALA C 30 -19.67 -6.36 15.93
N SER C 31 -18.80 -7.34 15.79
CA SER C 31 -17.42 -7.10 15.37
C SER C 31 -17.35 -6.52 13.97
N VAL C 32 -18.11 -7.12 13.05
CA VAL C 32 -18.13 -6.66 11.66
C VAL C 32 -18.69 -5.23 11.54
N SER C 33 -19.79 -4.97 12.24
CA SER C 33 -20.44 -3.65 12.19
C SER C 33 -19.55 -2.53 12.78
N ARG C 34 -18.94 -2.83 13.94
CA ARG C 34 -17.98 -1.90 14.54
C ARG C 34 -16.80 -1.63 13.60
N ALA C 35 -16.31 -2.71 12.98
CA ALA C 35 -15.21 -2.56 12.04
C ALA C 35 -15.60 -1.66 10.87
N PHE C 36 -16.82 -1.80 10.37
CA PHE C 36 -17.26 -0.95 9.28
C PHE C 36 -17.10 0.52 9.64
N PHE C 37 -17.52 0.88 10.85
CA PHE C 37 -17.38 2.30 11.21
C PHE C 37 -15.95 2.74 11.53
N ASN C 38 -15.05 1.77 11.65
CA ASN C 38 -13.66 2.11 11.93
C ASN C 38 -12.67 1.57 10.90
N ARG C 39 -13.16 1.34 9.69
CA ARG C 39 -12.36 0.61 8.71
C ARG C 39 -11.15 1.38 8.17
N TYR C 40 -11.24 2.71 8.21
CA TYR C 40 -10.15 3.54 7.72
C TYR C 40 -9.56 4.30 8.89
N PRO C 41 -8.23 4.51 8.87
CA PRO C 41 -7.28 4.05 7.85
C PRO C 41 -6.86 2.60 8.01
N ASN C 42 -6.47 2.00 6.89
CA ASN C 42 -5.85 0.69 6.92
C ASN C 42 -4.91 0.57 5.73
N PRO C 43 -3.93 -0.34 5.78
CA PRO C 43 -2.90 -0.31 4.73
C PRO C 43 -3.41 -0.71 3.34
N TYR C 44 -4.61 -1.27 3.27
CA TYR C 44 -5.15 -1.70 1.98
C TYR C 44 -5.94 -0.63 1.27
N SER C 45 -6.15 0.52 1.92
CA SER C 45 -6.88 1.62 1.30
C SER C 45 -6.10 2.93 1.29
N PRO C 46 -5.04 2.98 0.49
CA PRO C 46 -4.15 4.14 0.50
C PRO C 46 -4.80 5.44 0.05
N HIS C 47 -5.83 5.34 -0.78
CA HIS C 47 -6.42 6.53 -1.37
C HIS C 47 -7.36 7.28 -0.42
N VAL C 48 -7.78 6.65 0.67
CA VAL C 48 -8.70 7.35 1.57
C VAL C 48 -7.95 8.38 2.41
N LEU C 49 -8.45 9.61 2.41
CA LEU C 49 -7.78 10.73 3.08
C LEU C 49 -8.50 11.20 4.34
N SER C 50 -9.82 11.01 4.38
CA SER C 50 -10.57 11.45 5.56
C SER C 50 -11.95 10.83 5.59
N ILE C 51 -12.55 10.79 6.78
CA ILE C 51 -13.92 10.32 6.95
C ILE C 51 -14.57 11.14 8.06
N ASP C 52 -15.72 11.74 7.75
CA ASP C 52 -16.44 12.54 8.72
C ASP C 52 -17.86 12.04 8.87
N THR C 53 -18.40 12.17 10.08
CA THR C 53 -19.79 11.81 10.32
C THR C 53 -20.64 13.07 10.17
N ILE C 54 -21.56 13.03 9.22
CA ILE C 54 -22.41 14.16 8.87
C ILE C 54 -23.69 14.16 9.71
N SER C 55 -24.28 12.99 9.90
CA SER C 55 -25.46 12.86 10.75
C SER C 55 -25.50 11.47 11.37
N ARG C 56 -26.08 11.36 12.57
CA ARG C 56 -26.29 10.07 13.19
C ARG C 56 -27.38 10.17 14.23
N ASN C 57 -28.29 9.20 14.19
CA ASN C 57 -29.30 9.10 15.22
C ASN C 57 -29.83 7.69 15.32
N VAL C 58 -30.44 7.37 16.45
CA VAL C 58 -31.22 6.16 16.55
C VAL C 58 -32.66 6.54 16.24
N ASP C 59 -33.24 5.88 15.24
CA ASP C 59 -34.60 6.24 14.86
C ASP C 59 -35.63 5.63 15.82
N GLN C 60 -36.90 5.98 15.63
CA GLN C 60 -37.93 5.52 16.55
C GLN C 60 -38.08 4.00 16.54
N GLU C 61 -37.68 3.35 15.46
CA GLU C 61 -37.73 1.88 15.36
C GLU C 61 -36.56 1.21 16.04
N GLY C 62 -35.60 2.01 16.51
CA GLY C 62 -34.47 1.51 17.27
C GLY C 62 -33.23 1.26 16.43
N ASN C 63 -33.25 1.72 15.18
CA ASN C 63 -32.13 1.46 14.27
C ASN C 63 -31.24 2.67 14.09
N LEU C 64 -29.94 2.41 13.94
CA LEU C 64 -28.96 3.49 13.82
C LEU C 64 -28.88 3.98 12.37
N ARG C 65 -29.14 5.25 12.17
CA ARG C 65 -29.06 5.87 10.85
C ARG C 65 -27.87 6.81 10.82
N THR C 66 -26.93 6.55 9.91
CA THR C 66 -25.71 7.35 9.82
C THR C 66 -25.42 7.78 8.39
N THR C 67 -25.06 9.04 8.21
CA THR C 67 -24.48 9.51 6.95
C THR C 67 -23.09 10.02 7.22
N ARG C 68 -22.13 9.56 6.41
CA ARG C 68 -20.75 10.00 6.52
C ARG C 68 -20.25 10.50 5.17
N LEU C 69 -19.16 11.25 5.22
CA LEU C 69 -18.56 11.86 4.05
C LEU C 69 -17.08 11.47 4.00
N LEU C 70 -16.67 10.84 2.90
CA LEU C 70 -15.28 10.41 2.75
C LEU C 70 -14.60 11.21 1.66
N LYS C 71 -13.32 11.48 1.83
CA LYS C 71 -12.54 12.10 0.75
C LYS C 71 -11.44 11.14 0.37
N LYS C 72 -11.19 11.01 -0.92
CA LYS C 72 -10.12 10.13 -1.38
C LYS C 72 -9.34 10.80 -2.50
N SER C 73 -8.11 10.36 -2.70
CA SER C 73 -7.37 10.79 -3.88
C SER C 73 -7.63 9.77 -4.98
N GLY C 74 -7.44 10.18 -6.22
CA GLY C 74 -7.68 9.27 -7.32
C GLY C 74 -7.51 9.93 -8.68
N LYS C 75 -7.67 9.13 -9.73
CA LYS C 75 -7.53 9.61 -11.11
C LYS C 75 -8.74 9.20 -11.93
N LEU C 76 -9.22 10.10 -12.78
CA LEU C 76 -10.27 9.76 -13.72
C LEU C 76 -9.69 8.85 -14.80
N PRO C 77 -10.56 8.08 -15.48
CA PRO C 77 -10.08 7.20 -16.54
C PRO C 77 -9.38 7.97 -17.66
N THR C 78 -8.57 7.26 -18.45
CA THR C 78 -7.77 7.89 -19.50
C THR C 78 -8.59 8.46 -20.66
N TRP C 79 -9.88 8.14 -20.71
CA TRP C 79 -10.71 8.60 -21.82
C TRP C 79 -11.28 10.01 -21.64
N VAL C 80 -11.07 10.61 -20.47
CA VAL C 80 -11.60 11.94 -20.22
C VAL C 80 -10.72 13.02 -20.86
N LYS C 81 -11.28 14.22 -21.01
CA LYS C 81 -10.53 15.33 -21.61
C LYS C 81 -9.24 15.57 -20.83
N PRO C 82 -8.16 15.92 -21.53
CA PRO C 82 -6.81 16.01 -20.96
C PRO C 82 -6.72 16.89 -19.72
N PHE C 83 -7.48 17.98 -19.68
CA PHE C 83 -7.42 18.86 -18.52
C PHE C 83 -7.97 18.18 -17.26
N LEU C 84 -8.81 17.16 -17.43
CA LEU C 84 -9.37 16.45 -16.27
C LEU C 84 -8.51 15.28 -15.82
N ARG C 85 -7.54 14.91 -16.63
CA ARG C 85 -6.64 13.82 -16.29
C ARG C 85 -5.77 14.18 -15.09
N GLY C 86 -5.20 13.16 -14.47
CA GLY C 86 -4.27 13.39 -13.37
C GLY C 86 -4.86 13.15 -12.00
N ILE C 87 -4.03 13.31 -10.99
CA ILE C 87 -4.46 13.07 -9.62
C ILE C 87 -5.39 14.17 -9.12
N THR C 88 -6.37 13.79 -8.31
CA THR C 88 -7.33 14.75 -7.79
C THR C 88 -7.93 14.20 -6.51
N GLU C 89 -8.77 14.99 -5.85
CA GLU C 89 -9.52 14.50 -4.71
C GLU C 89 -11.00 14.44 -5.03
N THR C 90 -11.66 13.41 -4.53
CA THR C 90 -13.07 13.17 -4.80
C THR C 90 -13.80 12.89 -3.50
N TRP C 91 -15.08 13.17 -3.49
CA TRP C 91 -15.88 12.99 -2.30
C TRP C 91 -16.88 11.86 -2.49
N ILE C 92 -17.12 11.12 -1.40
CA ILE C 92 -18.02 9.96 -1.40
C ILE C 92 -19.00 10.12 -0.25
N ILE C 93 -20.28 9.89 -0.51
CA ILE C 93 -21.26 9.82 0.56
C ILE C 93 -21.45 8.35 0.95
N GLU C 94 -21.57 8.11 2.25
CA GLU C 94 -21.81 6.77 2.78
C GLU C 94 -23.01 6.81 3.72
N VAL C 95 -24.04 6.04 3.41
CA VAL C 95 -25.27 6.04 4.21
C VAL C 95 -25.45 4.64 4.74
N SER C 96 -25.84 4.52 6.01
CA SER C 96 -25.99 3.18 6.60
C SER C 96 -27.15 3.12 7.58
N VAL C 97 -27.70 1.91 7.72
CA VAL C 97 -28.68 1.62 8.75
C VAL C 97 -28.24 0.35 9.49
N VAL C 98 -28.32 0.36 10.82
CA VAL C 98 -28.01 -0.82 11.61
C VAL C 98 -29.20 -1.21 12.48
N ASN C 99 -29.65 -2.45 12.36
CA ASN C 99 -30.68 -3.02 13.23
C ASN C 99 -30.04 -4.04 14.16
N PRO C 100 -29.84 -3.66 15.43
CA PRO C 100 -29.11 -4.50 16.40
C PRO C 100 -29.95 -5.69 16.85
N ALA C 101 -31.28 -5.56 16.80
CA ALA C 101 -32.18 -6.62 17.21
C ALA C 101 -32.12 -7.78 16.21
N ASN C 102 -31.99 -7.43 14.92
CA ASN C 102 -32.00 -8.44 13.87
C ASN C 102 -30.60 -8.79 13.37
N SER C 103 -29.59 -8.11 13.89
CA SER C 103 -28.21 -8.27 13.45
C SER C 103 -28.11 -8.06 11.95
N THR C 104 -28.63 -6.93 11.50
CA THR C 104 -28.52 -6.58 10.09
C THR C 104 -27.96 -5.18 9.91
N MET C 105 -27.25 -4.97 8.82
CA MET C 105 -26.78 -3.62 8.50
C MET C 105 -26.90 -3.47 6.99
N LYS C 106 -27.26 -2.28 6.55
CA LYS C 106 -27.17 -1.99 5.13
C LYS C 106 -26.40 -0.71 4.93
N THR C 107 -25.63 -0.68 3.85
CA THR C 107 -24.76 0.44 3.53
C THR C 107 -24.86 0.78 2.06
N TYR C 108 -24.60 2.04 1.77
CA TYR C 108 -24.66 2.57 0.42
C TYR C 108 -23.61 3.63 0.28
N THR C 109 -22.87 3.57 -0.83
CA THR C 109 -21.95 4.67 -1.14
C THR C 109 -22.14 5.14 -2.57
N ARG C 110 -21.89 6.42 -2.78
CA ARG C 110 -21.72 6.89 -4.15
C ARG C 110 -20.80 8.09 -4.20
N ASN C 111 -20.16 8.29 -5.35
CA ASN C 111 -19.37 9.50 -5.55
C ASN C 111 -20.26 10.73 -5.68
N LEU C 112 -19.79 11.84 -5.12
CA LEU C 112 -20.53 13.10 -5.18
C LEU C 112 -20.07 13.98 -6.33
N ASP C 113 -18.83 13.80 -6.78
CA ASP C 113 -18.36 14.61 -7.88
C ASP C 113 -18.05 13.75 -9.12
N HIS C 114 -17.96 14.42 -10.27
CA HIS C 114 -17.72 13.77 -11.56
C HIS C 114 -18.84 12.83 -12.02
N THR C 115 -20.06 13.02 -11.50
CA THR C 115 -21.14 12.07 -11.74
C THR C 115 -21.61 12.01 -13.19
N GLY C 116 -21.37 13.09 -13.94
CA GLY C 116 -21.71 13.15 -15.34
C GLY C 116 -20.80 12.26 -16.18
N ILE C 117 -19.60 12.03 -15.66
CA ILE C 117 -18.63 11.16 -16.32
C ILE C 117 -18.87 9.72 -15.90
N MET C 118 -18.93 9.49 -14.60
CA MET C 118 -19.11 8.15 -14.07
C MET C 118 -19.72 8.23 -12.68
N LYS C 119 -20.80 7.49 -12.48
CA LYS C 119 -21.38 7.35 -11.15
C LYS C 119 -21.20 5.92 -10.70
N VAL C 120 -20.64 5.74 -9.52
CA VAL C 120 -20.42 4.41 -8.99
C VAL C 120 -21.16 4.28 -7.68
N GLU C 121 -22.15 3.39 -7.66
CA GLU C 121 -22.97 3.21 -6.47
C GLU C 121 -22.77 1.80 -5.94
N GLU C 122 -22.58 1.68 -4.63
CA GLU C 122 -22.44 0.35 -4.05
C GLU C 122 -23.40 0.15 -2.89
N TYR C 123 -24.14 -0.96 -2.93
CA TYR C 123 -24.98 -1.36 -1.81
C TYR C 123 -24.38 -2.60 -1.20
N THR C 124 -24.27 -2.63 0.13
CA THR C 124 -23.84 -3.82 0.82
C THR C 124 -24.79 -4.15 1.95
N THR C 125 -25.17 -5.41 2.07
CA THR C 125 -25.96 -5.87 3.21
C THR C 125 -25.11 -6.81 4.04
N TYR C 126 -25.24 -6.70 5.36
CA TYR C 126 -24.57 -7.59 6.29
C TYR C 126 -25.63 -8.27 7.11
N GLN C 127 -25.56 -9.61 7.17
CA GLN C 127 -26.49 -10.41 7.96
C GLN C 127 -25.75 -11.56 8.65
N PHE C 128 -26.29 -12.09 9.73
CA PHE C 128 -25.64 -13.21 10.40
C PHE C 128 -26.19 -14.58 9.94
N ASP C 129 -25.28 -15.45 9.51
CA ASP C 129 -25.56 -16.84 9.14
C ASP C 129 -25.24 -17.69 10.36
N SER C 130 -26.29 -18.06 11.08
CA SER C 130 -26.17 -18.80 12.34
C SER C 130 -25.69 -20.23 12.12
N ALA C 131 -26.01 -20.80 10.96
CA ALA C 131 -25.60 -22.17 10.64
C ALA C 131 -24.08 -22.27 10.58
N THR C 132 -23.43 -21.21 10.09
CA THR C 132 -21.98 -21.20 9.97
C THR C 132 -21.30 -20.20 10.91
N SER C 133 -22.10 -19.58 11.80
CA SER C 133 -21.59 -18.63 12.79
C SER C 133 -20.78 -17.51 12.14
N SER C 134 -21.26 -17.03 11.00
CA SER C 134 -20.47 -16.08 10.24
C SER C 134 -21.34 -14.93 9.81
N THR C 135 -20.71 -13.82 9.44
CA THR C 135 -21.44 -12.66 8.95
C THR C 135 -21.27 -12.57 7.43
N ILE C 136 -22.39 -12.57 6.72
CA ILE C 136 -22.40 -12.53 5.26
C ILE C 136 -22.56 -11.09 4.78
N ALA C 137 -21.63 -10.67 3.91
CA ALA C 137 -21.66 -9.37 3.28
C ALA C 137 -21.92 -9.52 1.80
N ASP C 138 -23.09 -9.07 1.35
CA ASP C 138 -23.46 -9.15 -0.05
C ASP C 138 -23.40 -7.76 -0.64
N SER C 139 -22.55 -7.60 -1.65
CA SER C 139 -22.32 -6.31 -2.29
C SER C 139 -22.82 -6.33 -3.73
N ARG C 140 -23.40 -5.20 -4.16
CA ARG C 140 -23.83 -5.00 -5.53
C ARG C 140 -23.34 -3.61 -5.93
N VAL C 141 -22.70 -3.51 -7.08
CA VAL C 141 -22.18 -2.24 -7.57
C VAL C 141 -22.76 -1.91 -8.93
N LYS C 142 -23.20 -0.67 -9.08
CA LYS C 142 -23.71 -0.17 -10.35
C LYS C 142 -22.82 0.97 -10.85
N PHE C 143 -22.21 0.77 -12.01
CA PHE C 143 -21.44 1.81 -12.70
C PHE C 143 -22.32 2.40 -13.78
N SER C 144 -22.59 3.69 -13.69
CA SER C 144 -23.37 4.38 -14.72
C SER C 144 -22.45 5.35 -15.46
N SER C 145 -22.19 5.03 -16.72
CA SER C 145 -21.30 5.82 -17.55
C SER C 145 -22.09 6.62 -18.57
N ILE C 151 -16.33 3.35 -27.00
CA ILE C 151 -15.26 2.81 -26.18
C ILE C 151 -15.82 1.86 -25.12
N LYS C 152 -16.90 1.16 -25.47
CA LYS C 152 -17.61 0.28 -24.54
C LYS C 152 -16.70 -0.72 -23.84
N SER C 153 -15.86 -1.41 -24.62
CA SER C 153 -14.96 -2.42 -24.07
C SER C 153 -13.97 -1.85 -23.06
N LYS C 154 -13.50 -0.63 -23.31
CA LYS C 154 -12.55 0.01 -22.42
C LYS C 154 -13.21 0.38 -21.09
N VAL C 155 -14.43 0.91 -21.17
CA VAL C 155 -15.21 1.23 -19.98
C VAL C 155 -15.52 -0.03 -19.18
N GLU C 156 -15.85 -1.12 -19.88
CA GLU C 156 -16.10 -2.40 -19.24
C GLU C 156 -14.88 -2.91 -18.51
N ASP C 157 -13.72 -2.86 -19.17
CA ASP C 157 -12.47 -3.31 -18.57
C ASP C 157 -12.15 -2.49 -17.33
N TRP C 158 -12.33 -1.18 -17.45
CA TRP C 158 -12.04 -0.29 -16.34
C TRP C 158 -12.94 -0.61 -15.15
N SER C 159 -14.23 -0.78 -15.42
CA SER C 159 -15.22 -1.06 -14.38
C SER C 159 -14.95 -2.41 -13.69
N ARG C 160 -14.65 -3.42 -14.48
CA ARG C 160 -14.34 -4.74 -13.93
C ARG C 160 -13.09 -4.68 -13.05
N THR C 161 -12.06 -3.99 -13.54
CA THR C 161 -10.82 -3.87 -12.79
C THR C 161 -11.03 -3.11 -11.48
N LYS C 162 -11.73 -1.97 -11.56
CA LYS C 162 -12.03 -1.20 -10.36
C LYS C 162 -12.83 -2.01 -9.35
N PHE C 163 -13.82 -2.75 -9.86
CA PHE C 163 -14.63 -3.58 -8.98
C PHE C 163 -13.78 -4.64 -8.28
N ASP C 164 -12.96 -5.36 -9.04
CA ASP C 164 -12.12 -6.41 -8.46
C ASP C 164 -11.16 -5.84 -7.41
N GLU C 165 -10.61 -4.66 -7.71
CA GLU C 165 -9.72 -4.00 -6.75
C GLU C 165 -10.48 -3.64 -5.48
N ASN C 166 -11.68 -3.12 -5.65
CA ASN C 166 -12.46 -2.72 -4.49
C ASN C 166 -12.90 -3.91 -3.62
N VAL C 167 -13.25 -5.02 -4.26
CA VAL C 167 -13.62 -6.23 -3.52
C VAL C 167 -12.43 -6.66 -2.65
N LYS C 168 -11.24 -6.66 -3.26
CA LYS C 168 -10.05 -7.03 -2.48
C LYS C 168 -9.77 -6.04 -1.34
N LYS C 169 -9.80 -4.75 -1.62
CA LYS C 169 -9.48 -3.75 -0.60
C LYS C 169 -10.46 -3.83 0.56
N SER C 170 -11.73 -4.10 0.24
CA SER C 170 -12.76 -4.13 1.25
C SER C 170 -12.55 -5.31 2.19
N ARG C 171 -12.34 -6.49 1.60
CA ARG C 171 -12.19 -7.64 2.47
C ARG C 171 -10.88 -7.60 3.27
N MET C 172 -9.80 -7.16 2.64
CA MET C 172 -8.50 -7.10 3.34
C MET C 172 -8.51 -6.03 4.44
N GLY C 173 -9.10 -4.88 4.14
CA GLY C 173 -9.16 -3.79 5.09
C GLY C 173 -10.04 -4.13 6.29
N MET C 174 -11.21 -4.70 6.01
CA MET C 174 -12.10 -5.12 7.08
C MET C 174 -11.44 -6.19 7.95
N ALA C 175 -10.79 -7.17 7.32
CA ALA C 175 -10.13 -8.22 8.11
C ALA C 175 -9.03 -7.61 8.98
N PHE C 176 -8.30 -6.65 8.42
CA PHE C 176 -7.22 -6.00 9.15
C PHE C 176 -7.76 -5.34 10.41
N VAL C 177 -8.84 -4.58 10.26
CA VAL C 177 -9.41 -3.85 11.39
C VAL C 177 -10.06 -4.78 12.41
N ILE C 178 -10.77 -5.80 11.93
CA ILE C 178 -11.38 -6.79 12.84
C ILE C 178 -10.33 -7.46 13.69
N GLN C 179 -9.24 -7.88 13.04
CA GLN C 179 -8.16 -8.57 13.74
C GLN C 179 -7.49 -7.62 14.72
N LYS C 180 -7.31 -6.37 14.32
CA LYS C 180 -6.71 -5.39 15.22
C LYS C 180 -7.54 -5.15 16.47
N LEU C 181 -8.85 -5.01 16.32
CA LEU C 181 -9.61 -4.74 17.53
C LEU C 181 -9.71 -5.99 18.39
N GLU C 182 -9.74 -7.16 17.75
CA GLU C 182 -9.79 -8.41 18.51
C GLU C 182 -8.52 -8.61 19.36
N GLU C 183 -7.40 -8.14 18.83
CA GLU C 183 -6.12 -8.28 19.52
C GLU C 183 -5.79 -6.99 20.25
N ILE C 201 -3.09 6.90 14.73
CA ILE C 201 -3.57 5.75 14.00
C ILE C 201 -5.09 5.83 13.79
N MET C 202 -5.64 7.02 14.01
CA MET C 202 -7.07 7.24 13.83
C MET C 202 -7.34 7.96 12.50
N SER C 203 -8.61 8.00 12.10
CA SER C 203 -8.96 8.67 10.86
C SER C 203 -9.01 10.18 11.04
N ALA C 204 -8.70 10.89 9.97
CA ALA C 204 -8.71 12.34 9.97
C ALA C 204 -10.04 12.88 9.52
N SER C 205 -10.38 14.07 9.99
CA SER C 205 -11.43 14.85 9.37
C SER C 205 -10.89 15.51 8.11
N PHE C 206 -11.76 15.84 7.15
CA PHE C 206 -11.30 16.59 5.99
C PHE C 206 -10.79 17.97 6.42
N ALA C 207 -11.28 18.45 7.57
CA ALA C 207 -10.89 19.73 8.13
C ALA C 207 -9.96 19.45 9.31
N PRO C 208 -8.64 19.72 9.15
CA PRO C 208 -7.70 19.29 10.19
C PRO C 208 -8.02 19.85 11.58
N GLU C 209 -8.59 21.05 11.61
CA GLU C 209 -8.98 21.69 12.86
C GLU C 209 -10.12 20.93 13.58
N CYS C 210 -10.74 19.98 12.89
CA CYS C 210 -11.82 19.21 13.48
C CYS C 210 -11.40 17.80 13.90
N THR C 211 -10.19 17.39 13.52
CA THR C 211 -9.82 15.98 13.74
C THR C 211 -9.82 15.55 15.21
N ASP C 212 -9.22 16.37 16.06
CA ASP C 212 -9.19 16.08 17.49
C ASP C 212 -10.63 15.95 18.02
N LEU C 213 -11.51 16.86 17.60
CA LEU C 213 -12.90 16.78 18.06
C LEU C 213 -13.54 15.48 17.56
N LYS C 214 -13.20 15.11 16.34
CA LYS C 214 -13.78 13.91 15.73
C LYS C 214 -13.35 12.71 16.54
N THR C 215 -12.07 12.70 16.92
CA THR C 215 -11.56 11.54 17.63
C THR C 215 -12.31 11.38 18.94
N LYS C 216 -12.56 12.52 19.60
CA LYS C 216 -13.22 12.46 20.89
C LYS C 216 -14.65 11.97 20.71
N TYR C 217 -15.30 12.41 19.65
CA TYR C 217 -16.65 11.92 19.40
C TYR C 217 -16.62 10.42 19.06
N ASP C 218 -15.69 10.03 18.18
CA ASP C 218 -15.74 8.66 17.66
C ASP C 218 -15.49 7.68 18.79
N SER C 219 -14.59 8.06 19.70
CA SER C 219 -14.25 7.19 20.81
C SER C 219 -15.49 6.97 21.68
N CYS C 220 -16.20 8.05 21.95
CA CYS C 220 -17.39 7.96 22.80
C CYS C 220 -18.40 7.07 22.09
N PHE C 221 -18.58 7.32 20.80
CA PHE C 221 -19.58 6.58 20.05
C PHE C 221 -19.21 5.11 20.05
N ASN C 222 -17.93 4.82 19.82
CA ASN C 222 -17.54 3.44 19.66
C ASN C 222 -17.86 2.67 20.92
N GLU C 223 -17.62 3.32 22.07
CA GLU C 223 -17.74 2.62 23.33
C GLU C 223 -19.23 2.33 23.52
N TRP C 224 -20.05 3.34 23.24
CA TRP C 224 -21.48 3.16 23.40
C TRP C 224 -21.99 2.10 22.44
N TYR C 225 -21.45 2.13 21.21
CA TYR C 225 -22.03 1.33 20.15
C TYR C 225 -21.86 -0.14 20.50
N SER C 226 -20.66 -0.48 20.92
CA SER C 226 -20.36 -1.85 21.27
C SER C 226 -20.93 -2.25 22.63
N GLU C 227 -21.00 -1.32 23.58
CA GLU C 227 -21.32 -1.72 24.96
C GLU C 227 -22.79 -1.63 25.28
N LYS C 228 -23.50 -0.76 24.55
CA LYS C 228 -24.88 -0.49 24.87
C LYS C 228 -25.79 -0.74 23.67
N PHE C 229 -25.51 -0.06 22.56
CA PHE C 229 -26.43 -0.10 21.42
C PHE C 229 -26.58 -1.50 20.81
N LEU C 230 -25.46 -2.13 20.49
CA LEU C 230 -25.51 -3.45 19.84
C LEU C 230 -26.06 -4.53 20.77
N LYS C 231 -26.11 -4.23 22.06
CA LYS C 231 -26.63 -5.19 23.04
C LYS C 231 -28.09 -4.90 23.40
N GLY C 232 -28.68 -3.93 22.70
CA GLY C 232 -30.08 -3.58 22.89
C GLY C 232 -30.38 -2.89 24.21
N LYS C 233 -29.37 -2.25 24.80
CA LYS C 233 -29.52 -1.62 26.10
C LYS C 233 -29.67 -0.10 26.05
N SER C 234 -29.54 0.51 24.88
CA SER C 234 -29.69 1.95 24.78
C SER C 234 -30.06 2.43 23.39
N VAL C 235 -30.87 3.49 23.33
CA VAL C 235 -31.15 4.19 22.08
C VAL C 235 -30.71 5.64 22.20
N GLU C 236 -29.90 5.92 23.21
CA GLU C 236 -29.34 7.26 23.42
C GLU C 236 -27.99 7.18 24.15
N ASN C 237 -26.96 7.71 23.52
CA ASN C 237 -25.64 7.74 24.17
C ASN C 237 -25.40 8.99 24.99
N GLU C 238 -24.25 9.04 25.63
CA GLU C 238 -23.84 10.21 26.38
C GLU C 238 -22.80 11.00 25.61
N CYS C 239 -22.91 11.02 24.29
CA CYS C 239 -21.88 11.66 23.48
C CYS C 239 -22.33 12.99 22.90
N SER C 240 -23.36 13.60 23.47
CA SER C 240 -23.92 14.81 22.87
C SER C 240 -22.95 16.00 22.89
N LYS C 241 -22.18 16.17 23.96
CA LYS C 241 -21.26 17.32 24.01
C LYS C 241 -20.16 17.19 22.96
N GLN C 242 -19.60 15.98 22.86
CA GLN C 242 -18.58 15.69 21.87
C GLN C 242 -19.14 15.84 20.44
N TRP C 243 -20.34 15.32 20.25
CA TRP C 243 -20.99 15.46 18.96
C TRP C 243 -21.21 16.92 18.62
N TYR C 244 -21.74 17.71 19.56
CA TYR C 244 -22.00 19.11 19.26
C TYR C 244 -20.73 19.83 18.81
N ALA C 245 -19.66 19.66 19.59
CA ALA C 245 -18.41 20.37 19.27
C ALA C 245 -17.90 19.98 17.87
N TYR C 246 -17.89 18.67 17.65
CA TYR C 246 -17.41 18.13 16.37
C TYR C 246 -18.26 18.56 15.17
N THR C 247 -19.58 18.37 15.28
CA THR C 247 -20.44 18.68 14.14
C THR C 247 -20.45 20.18 13.83
N THR C 248 -20.33 21.00 14.87
CA THR C 248 -20.29 22.44 14.65
C THR C 248 -19.04 22.81 13.85
N CYS C 249 -17.92 22.18 14.23
CA CYS C 249 -16.66 22.38 13.51
C CYS C 249 -16.74 21.94 12.04
N VAL C 250 -17.25 20.74 11.82
CA VAL C 250 -17.38 20.18 10.47
C VAL C 250 -18.28 21.04 9.60
N ASN C 251 -19.42 21.44 10.15
CA ASN C 251 -20.34 22.22 9.35
C ASN C 251 -19.77 23.59 8.98
N ALA C 252 -19.04 24.20 9.92
CA ALA C 252 -18.36 25.46 9.60
C ALA C 252 -17.38 25.26 8.46
N ALA C 253 -16.66 24.15 8.48
CA ALA C 253 -15.73 23.87 7.39
C ALA C 253 -16.46 23.59 6.08
N LEU C 254 -17.59 22.91 6.15
CA LEU C 254 -18.37 22.50 4.99
C LEU C 254 -18.91 23.70 4.24
N VAL C 255 -19.30 24.74 4.98
CA VAL C 255 -19.78 25.98 4.34
C VAL C 255 -18.81 26.50 3.28
N LYS C 256 -17.52 26.28 3.53
CA LYS C 256 -16.46 26.80 2.67
C LYS C 256 -16.05 25.84 1.55
N GLN C 257 -16.63 24.65 1.53
CA GLN C 257 -16.30 23.63 0.55
C GLN C 257 -17.24 23.65 -0.64
N GLY C 258 -16.69 23.50 -1.83
CA GLY C 258 -17.49 23.47 -3.04
C GLY C 258 -18.47 22.29 -3.06
N ILE C 259 -18.16 21.25 -2.29
CA ILE C 259 -18.95 20.03 -2.30
C ILE C 259 -20.28 20.13 -1.54
N LYS C 260 -20.45 21.19 -0.74
CA LYS C 260 -21.64 21.25 0.10
C LYS C 260 -22.98 21.11 -0.65
N PRO C 261 -23.17 21.84 -1.77
CA PRO C 261 -24.45 21.68 -2.46
C PRO C 261 -24.72 20.23 -2.92
N ALA C 262 -23.70 19.58 -3.46
CA ALA C 262 -23.82 18.21 -3.91
C ALA C 262 -24.12 17.28 -2.74
N LEU C 263 -23.49 17.56 -1.59
CA LEU C 263 -23.73 16.77 -0.40
C LEU C 263 -25.17 16.92 0.09
N ASP C 264 -25.66 18.16 0.16
CA ASP C 264 -27.05 18.42 0.57
C ASP C 264 -28.04 17.70 -0.36
N GLU C 265 -27.79 17.81 -1.66
CA GLU C 265 -28.61 17.14 -2.65
C GLU C 265 -28.63 15.62 -2.41
N ALA C 266 -27.46 15.03 -2.21
CA ALA C 266 -27.38 13.59 -1.99
C ALA C 266 -28.07 13.18 -0.70
N ARG C 267 -28.01 14.04 0.31
CA ARG C 267 -28.65 13.75 1.59
C ARG C 267 -30.16 13.75 1.47
N GLU C 268 -30.68 14.46 0.47
CA GLU C 268 -32.12 14.35 0.21
C GLU C 268 -32.58 12.98 -0.33
N GLU C 269 -31.66 12.25 -0.95
CA GLU C 269 -31.96 10.96 -1.58
C GLU C 269 -32.24 9.88 -0.55
N ALA C 270 -32.98 8.85 -0.96
CA ALA C 270 -33.32 7.73 -0.09
C ALA C 270 -32.88 6.41 -0.74
N PRO C 271 -31.58 6.10 -0.66
CA PRO C 271 -31.03 4.95 -1.39
C PRO C 271 -31.63 3.59 -1.01
N PHE C 272 -32.08 3.42 0.23
CA PHE C 272 -32.66 2.15 0.66
C PHE C 272 -34.16 2.08 0.39
#